data_1X9M
#
_entry.id   1X9M
#
_cell.length_a   105.109
_cell.length_b   212.308
_cell.length_c   52.070
_cell.angle_alpha   90.00
_cell.angle_beta   90.00
_cell.angle_gamma   90.00
#
_symmetry.space_group_name_H-M   'P 21 21 2'
#
loop_
_entity.id
_entity.type
_entity.pdbx_description
1 polymer "5'-D(*GP*GP*AP*GP*AP*GP*TP*GP*AP*TP*TP*GP*GP*TP*AP*GP*TP*GP*TP*GP*AP*(2DT))-3'"
2 polymer "5'-D(*CP*CP*CP*(8FG)P*AP*TP*CP*AP*CP*AP*CP*TP*AP*CP*CP*AP*AP*TP*CP*AP*CP*TP*CP*TP*CP*C)-3'"
3 polymer 'DNA polymerase'
4 polymer 'Thioredoxin 1'
5 non-polymer 'MAGNESIUM ION'
6 water water
#
loop_
_entity_poly.entity_id
_entity_poly.type
_entity_poly.pdbx_seq_one_letter_code
_entity_poly.pdbx_strand_id
1 'polydeoxyribonucleotide'
;(DG)(DG)(DA)(DG)(DA)(DG)(DT)(DG)(DA)(DT)(DT)(DG)(DG)(DT)(DA)(DG)(DT)(DG)(DT)(DG)
(DA)(2DT)
;
C
2 'polydeoxyribonucleotide'
;(DC)(DC)(DC)(8FG)(DA)(DT)(DC)(DA)(DC)(DA)(DC)(DT)(DA)(DC)(DC)(DA)(DA)(DT)(DC)
(DA)(DC)(DT)(DC)(DT)(DC)(DC)
;
D
3 'polypeptide(L)'
;MIVSDIEANALLESVTKFHCGVIYDYSTAEYVSYRPSDFGAYLDALEAEVARGGLIVFHNGHKYDVPALTKLAKLQLNRE
FHLPRENCIDTLVLSRLIHSNLKDTDMGLLRSGKLPGALEAWGYRLGEMKGEYKDDFKRMLEEQGEEYVDGMEWWNFNEE
MMDYNVQDVVVTKALLEKLLSDKHYFPPEIDFTDVGYTTFWSESLEAVDIEHRAAWLLAKQERNGFPFDTKAIEELYVEL
AARRSELLRKLTETFGSWYQPKGGTEMFCHPRTGKPLPKYPRIKTPKVGGIFKKPKNKAQREGREPCELDTREYVAGAPY
TPVEHVVFNPSSRDHIQKKLQEAGWVPTKYTDKGAPVVDDEVLEGVRVDDPEKQAAIDLIKEYLMIQKRIGQSAEGDKAW
LRYVAEDGKIHGSVNPNGAVTGRATHAFPNLAQIPGVRSPYGEQCRAAFGAEHHLDGITGKPWVQAGIDASGLELRCLAH
FMARFDNGEYAHEILNGDIHTKNQIAAELPTRDNAKTFIYGFLYGAGDEKIGQIVGAGKERGKELKKKFLENTPAIAALR
ESIQQTLVESSQWVAGEQQVKWKRRWIKGLDGRKVHVRSPHAALNTLLQSAGALICKLWIIKTEEMLVEKGLKHGWDGDF
AYMAWVHDEIQVGCRTEEIAQVVIETAQEAMRWVGDHWNFRCLLDTEGKMGPNWAICH
;
A
4 'polypeptide(L)'
;SDKIIHLTDDSFDTDVLKADGAILVDFWAEWCGPCKMIAPILDEIADEYQGKLTVAKLNIDQNPGTAPKYGIRGIPTLLL
FKNGEVAATKVGALSKGQLKEFLDANLA
;
B
#
loop_
_chem_comp.id
_chem_comp.type
_chem_comp.name
_chem_comp.formula
2DT DNA linking 3'-DEOXYTHYMIDINE-5'-MONOPHOSPHATE 'C10 H15 N2 O7 P'
8FG DNA linking N-(5'-PHOSPHO-2'-DEOXYGUANOSIN-8-YL)-2-ACETYLAMINOFLUORENE 'C25 H25 N6 O8 P'
DA DNA linking 2'-DEOXYADENOSINE-5'-MONOPHOSPHATE 'C10 H14 N5 O6 P'
DC DNA linking 2'-DEOXYCYTIDINE-5'-MONOPHOSPHATE 'C9 H14 N3 O7 P'
DG DNA linking 2'-DEOXYGUANOSINE-5'-MONOPHOSPHATE 'C10 H14 N5 O7 P'
DT DNA linking THYMIDINE-5'-MONOPHOSPHATE 'C10 H15 N2 O8 P'
MG non-polymer 'MAGNESIUM ION' 'Mg 2'
#
# COMPACT_ATOMS: atom_id res chain seq x y z
P 2DT A 22 -14.46 3.31 5.63
OP1 2DT A 22 -15.25 4.57 5.54
OP2 2DT A 22 -14.27 2.65 6.94
O5' 2DT A 22 -15.19 2.29 4.65
N1 2DT A 22 -14.04 -2.27 4.45
C6 2DT A 22 -13.79 -1.48 5.57
C2 2DT A 22 -13.42 -3.48 4.29
O2 2DT A 22 -13.61 -4.21 3.32
N3 2DT A 22 -12.58 -3.83 5.32
C4 2DT A 22 -12.30 -3.09 6.46
O4 2DT A 22 -11.53 -3.55 7.30
C5 2DT A 22 -12.96 -1.82 6.55
C5M 2DT A 22 -12.70 -0.95 7.74
C2' 2DT A 22 -16.36 -1.41 3.98
C5' 2DT A 22 -14.53 1.12 4.28
C4' 2DT A 22 -15.22 0.48 3.09
O4' 2DT A 22 -14.43 -0.69 2.79
C1' 2DT A 22 -15.00 -1.83 3.42
C3' 2DT A 22 -16.62 -0.04 3.37
P 8FG B 4 -8.94 -19.48 11.48
OP1 8FG B 4 -7.60 -18.76 11.27
OP2 8FG B 4 -9.50 -19.24 12.87
O5' 8FG B 4 -10.02 -18.91 10.40
N9 8FG B 4 -15.33 -18.82 10.47
C4 8FG B 4 -15.10 -19.06 11.81
N3 8FG B 4 -13.90 -18.88 12.65
C2 8FG B 4 -13.86 -19.17 13.91
N2 8FG B 4 -12.71 -18.96 14.61
N1 8FG B 4 -15.07 -19.71 14.58
C6 8FG B 4 -16.30 -19.94 13.90
O6 8FG B 4 -17.26 -20.40 14.51
C5 8FG B 4 -16.32 -19.58 12.38
N7 8FG B 4 -17.36 -19.69 11.46
C8 8FG B 4 -16.66 -19.20 10.34
C31 8FG B 4 -17.75 -16.83 7.88
C32 8FG B 4 -18.09 -17.89 8.85
C33 8FG B 4 -19.23 -17.74 9.76
C34 8FG B 4 -20.04 -16.54 9.71
C35 8FG B 4 -19.72 -15.47 8.75
C36 8FG B 4 -18.57 -15.63 7.84
C37 8FG B 4 -21.26 -16.18 10.58
C38 8FG B 4 -21.59 -14.80 9.99
C39 8FG B 4 -20.63 -14.44 8.90
C40 8FG B 4 -22.65 -13.88 10.36
C41 8FG B 4 -22.77 -12.62 9.66
C42 8FG B 4 -21.85 -12.26 8.61
C43 8FG B 4 -20.79 -13.15 8.22
N29 8FG B 4 -17.34 -19.07 8.96
C30 8FG B 4 -17.19 -20.07 7.94
O44 8FG B 4 -16.47 -21.10 8.13
C45 8FG B 4 -17.82 -20.06 6.51
C2' 8FG B 4 -13.62 -17.08 9.90
C5' 8FG B 4 -11.39 -19.36 10.42
C4' 8FG B 4 -12.14 -18.83 9.22
O4' 8FG B 4 -13.48 -19.35 9.19
C1' 8FG B 4 -14.42 -18.31 9.47
C3' 8FG B 4 -12.30 -17.31 9.17
O3' 8FG B 4 -12.39 -16.91 7.79
N MET C 1 -15.66 -7.39 -36.82
CA MET C 1 -14.77 -7.14 -35.65
C MET C 1 -13.35 -6.82 -36.06
N ILE C 2 -12.76 -5.83 -35.39
CA ILE C 2 -11.40 -5.48 -35.67
C ILE C 2 -10.63 -5.41 -34.35
N VAL C 3 -9.32 -5.61 -34.42
CA VAL C 3 -8.48 -5.56 -33.25
C VAL C 3 -7.52 -4.42 -33.58
N SER C 4 -7.23 -3.57 -32.61
CA SER C 4 -6.38 -2.45 -32.90
C SER C 4 -5.59 -1.95 -31.72
N ASP C 5 -4.58 -1.14 -32.00
CA ASP C 5 -3.73 -0.55 -30.98
C ASP C 5 -3.07 0.69 -31.56
N ILE C 6 -2.74 1.65 -30.70
CA ILE C 6 -2.08 2.86 -31.14
C ILE C 6 -0.88 3.15 -30.26
N GLU C 7 0.02 3.98 -30.79
CA GLU C 7 1.19 4.41 -30.05
C GLU C 7 1.10 5.94 -30.11
N ALA C 8 1.29 6.59 -28.97
CA ALA C 8 1.23 8.04 -28.92
C ALA C 8 2.42 8.51 -28.08
N ASN C 9 2.61 9.82 -27.99
CA ASN C 9 3.76 10.36 -27.28
C ASN C 9 3.75 10.52 -25.77
N ALA C 10 2.67 10.14 -25.10
CA ALA C 10 2.62 10.27 -23.63
C ALA C 10 1.39 9.60 -23.04
N LEU C 11 1.32 9.60 -21.71
CA LEU C 11 0.15 9.04 -21.02
C LEU C 11 -1.02 9.97 -21.32
N LEU C 12 -2.24 9.47 -21.14
CA LEU C 12 -3.46 10.25 -21.44
C LEU C 12 -3.41 11.70 -21.00
N GLU C 13 -3.01 11.96 -19.75
CA GLU C 13 -3.00 13.31 -19.23
C GLU C 13 -2.30 14.36 -20.11
N SER C 14 -1.20 13.98 -20.76
CA SER C 14 -0.48 14.94 -21.59
C SER C 14 -0.20 14.54 -23.02
N VAL C 15 -0.93 13.55 -23.55
CA VAL C 15 -0.68 13.12 -24.91
C VAL C 15 -1.03 14.23 -25.91
N THR C 16 -0.15 14.48 -26.86
CA THR C 16 -0.40 15.51 -27.86
C THR C 16 -0.22 15.02 -29.28
N LYS C 17 0.38 13.85 -29.46
CA LYS C 17 0.57 13.35 -30.82
C LYS C 17 0.37 11.85 -31.02
N PHE C 18 -0.30 11.52 -32.12
CA PHE C 18 -0.55 10.15 -32.55
C PHE C 18 0.71 9.76 -33.31
N HIS C 19 1.33 8.63 -32.97
CA HIS C 19 2.52 8.20 -33.69
C HIS C 19 2.11 7.21 -34.77
N CYS C 20 1.39 6.17 -34.37
CA CYS C 20 0.94 5.18 -35.33
C CYS C 20 -0.19 4.34 -34.77
N GLY C 21 -0.73 3.49 -35.63
CA GLY C 21 -1.82 2.61 -35.23
C GLY C 21 -1.86 1.42 -36.15
N VAL C 22 -2.38 0.30 -35.66
CA VAL C 22 -2.49 -0.89 -36.47
C VAL C 22 -3.90 -1.45 -36.31
N ILE C 23 -4.46 -1.95 -37.40
CA ILE C 23 -5.78 -2.53 -37.36
C ILE C 23 -5.75 -3.88 -38.05
N TYR C 24 -6.30 -4.88 -37.37
CA TYR C 24 -6.44 -6.22 -37.93
C TYR C 24 -7.95 -6.35 -38.09
N ASP C 25 -8.38 -6.66 -39.30
CA ASP C 25 -9.80 -6.82 -39.61
C ASP C 25 -10.09 -8.32 -39.79
N TYR C 26 -10.97 -8.88 -38.99
CA TYR C 26 -11.30 -10.30 -39.13
C TYR C 26 -11.97 -10.62 -40.47
N SER C 27 -12.71 -9.66 -41.02
CA SER C 27 -13.40 -9.88 -42.29
C SER C 27 -12.46 -10.00 -43.48
N THR C 28 -11.26 -9.42 -43.39
CA THR C 28 -10.29 -9.50 -44.48
C THR C 28 -9.06 -10.28 -44.05
N ALA C 29 -8.91 -10.45 -42.74
CA ALA C 29 -7.78 -11.17 -42.17
C ALA C 29 -6.46 -10.49 -42.51
N GLU C 30 -6.49 -9.17 -42.66
CA GLU C 30 -5.27 -8.43 -42.98
C GLU C 30 -4.90 -7.38 -41.92
N TYR C 31 -3.59 -7.14 -41.79
CA TYR C 31 -3.08 -6.14 -40.86
C TYR C 31 -2.76 -4.91 -41.70
N VAL C 32 -3.16 -3.75 -41.21
CA VAL C 32 -2.93 -2.48 -41.90
C VAL C 32 -2.25 -1.51 -40.92
N SER C 33 -1.13 -0.93 -41.34
CA SER C 33 -0.40 0.00 -40.52
C SER C 33 -0.68 1.46 -40.90
N TYR C 34 -0.84 2.31 -39.90
CA TYR C 34 -1.10 3.73 -40.13
C TYR C 34 0.03 4.51 -39.46
N ARG C 35 0.72 5.33 -40.24
CA ARG C 35 1.82 6.14 -39.72
C ARG C 35 1.29 7.52 -39.33
N PRO C 36 2.16 8.39 -38.80
CA PRO C 36 1.70 9.71 -38.39
C PRO C 36 0.72 10.47 -39.29
N SER C 37 0.99 10.54 -40.58
CA SER C 37 0.10 11.29 -41.47
C SER C 37 -1.16 10.51 -41.88
N ASP C 38 -1.31 9.28 -41.38
CA ASP C 38 -2.49 8.46 -41.70
C ASP C 38 -3.51 8.53 -40.55
N PHE C 39 -3.29 9.43 -39.59
CA PHE C 39 -4.20 9.52 -38.45
C PHE C 39 -5.66 9.66 -38.83
N GLY C 40 -5.95 10.55 -39.77
CA GLY C 40 -7.33 10.73 -40.20
C GLY C 40 -7.89 9.48 -40.82
N ALA C 41 -7.07 8.75 -41.56
CA ALA C 41 -7.53 7.51 -42.18
C ALA C 41 -7.72 6.43 -41.11
N TYR C 42 -6.90 6.48 -40.08
CA TYR C 42 -7.02 5.52 -38.98
C TYR C 42 -8.40 5.68 -38.31
N LEU C 43 -8.72 6.92 -37.93
CA LEU C 43 -10.01 7.22 -37.31
C LEU C 43 -11.16 6.83 -38.24
N ASP C 44 -10.97 7.06 -39.54
CA ASP C 44 -12.01 6.73 -40.51
C ASP C 44 -12.30 5.24 -40.49
N ALA C 45 -11.24 4.44 -40.41
CA ALA C 45 -11.38 2.98 -40.37
C ALA C 45 -12.15 2.53 -39.12
N LEU C 46 -11.86 3.16 -37.97
CA LEU C 46 -12.56 2.81 -36.74
C LEU C 46 -14.03 3.20 -36.83
N GLU C 47 -14.32 4.36 -37.41
CA GLU C 47 -15.71 4.78 -37.55
C GLU C 47 -16.46 3.92 -38.56
N ALA C 48 -15.74 3.35 -39.52
CA ALA C 48 -16.39 2.47 -40.50
C ALA C 48 -16.84 1.19 -39.82
N GLU C 49 -16.07 0.71 -38.83
CA GLU C 49 -16.47 -0.50 -38.13
C GLU C 49 -17.72 -0.19 -37.29
N VAL C 50 -17.79 1.01 -36.73
CA VAL C 50 -18.95 1.43 -35.95
C VAL C 50 -20.17 1.55 -36.89
N ALA C 51 -19.96 2.03 -38.10
CA ALA C 51 -21.05 2.19 -39.05
C ALA C 51 -21.71 0.84 -39.39
N ARG C 52 -20.92 -0.23 -39.37
CA ARG C 52 -21.41 -1.57 -39.66
C ARG C 52 -22.03 -2.28 -38.46
N GLY C 53 -22.11 -1.62 -37.31
CA GLY C 53 -22.66 -2.29 -36.14
C GLY C 53 -21.63 -3.30 -35.65
N GLY C 54 -20.36 -2.99 -35.88
CA GLY C 54 -19.29 -3.89 -35.49
C GLY C 54 -18.68 -3.66 -34.12
N LEU C 55 -17.53 -4.28 -33.89
CA LEU C 55 -16.84 -4.19 -32.61
C LEU C 55 -15.38 -3.86 -32.81
N ILE C 56 -14.82 -3.15 -31.84
CA ILE C 56 -13.41 -2.78 -31.89
C ILE C 56 -12.75 -3.32 -30.64
N VAL C 57 -11.68 -4.09 -30.82
CA VAL C 57 -10.98 -4.67 -29.70
C VAL C 57 -9.66 -3.95 -29.44
N PHE C 58 -9.45 -3.53 -28.19
CA PHE C 58 -8.23 -2.88 -27.74
C PHE C 58 -7.79 -3.61 -26.46
N HIS C 59 -6.52 -3.51 -26.10
CA HIS C 59 -6.10 -4.06 -24.83
C HIS C 59 -5.89 -2.79 -23.99
N ASN C 60 -6.73 -2.58 -22.97
CA ASN C 60 -6.67 -1.40 -22.10
C ASN C 60 -7.19 -0.16 -22.85
N GLY C 61 -8.05 -0.39 -23.82
CA GLY C 61 -8.59 0.70 -24.62
C GLY C 61 -9.56 1.58 -23.84
N HIS C 62 -10.27 1.00 -22.87
CA HIS C 62 -11.23 1.78 -22.11
C HIS C 62 -10.58 2.93 -21.34
N LYS C 63 -9.41 2.67 -20.76
CA LYS C 63 -8.69 3.68 -20.00
C LYS C 63 -7.73 4.54 -20.82
N TYR C 64 -7.17 3.99 -21.89
CA TYR C 64 -6.22 4.74 -22.72
C TYR C 64 -6.58 5.03 -24.18
N ASP C 65 -6.48 4.01 -25.04
CA ASP C 65 -6.73 4.23 -26.47
C ASP C 65 -7.97 5.03 -26.83
N VAL C 66 -9.14 4.62 -26.35
CA VAL C 66 -10.36 5.32 -26.68
C VAL C 66 -10.40 6.81 -26.28
N PRO C 67 -10.13 7.13 -25.00
CA PRO C 67 -10.16 8.55 -24.64
C PRO C 67 -8.98 9.31 -25.24
N ALA C 68 -7.87 8.63 -25.50
CA ALA C 68 -6.72 9.28 -26.11
C ALA C 68 -7.05 9.69 -27.56
N LEU C 69 -7.80 8.83 -28.26
CA LEU C 69 -8.15 9.13 -29.64
C LEU C 69 -9.09 10.34 -29.73
N THR C 70 -10.00 10.45 -28.77
CA THR C 70 -10.92 11.57 -28.74
C THR C 70 -10.10 12.85 -28.55
N LYS C 71 -9.18 12.80 -27.57
CA LYS C 71 -8.32 13.94 -27.27
C LYS C 71 -7.45 14.32 -28.45
N LEU C 72 -6.77 13.34 -29.03
CA LEU C 72 -5.90 13.59 -30.17
C LEU C 72 -6.62 14.03 -31.43
N ALA C 73 -7.83 13.53 -31.65
CA ALA C 73 -8.58 13.91 -32.84
C ALA C 73 -8.93 15.40 -32.78
N LYS C 74 -9.32 15.86 -31.59
CA LYS C 74 -9.68 17.26 -31.44
C LYS C 74 -8.43 18.13 -31.60
N LEU C 75 -7.36 17.75 -30.90
CA LEU C 75 -6.10 18.50 -30.93
C LEU C 75 -5.38 18.54 -32.27
N GLN C 76 -5.21 17.38 -32.90
CA GLN C 76 -4.48 17.34 -34.15
C GLN C 76 -5.31 17.59 -35.40
N LEU C 77 -6.58 17.22 -35.38
CA LEU C 77 -7.39 17.35 -36.58
C LEU C 77 -8.62 18.21 -36.43
N ASN C 78 -8.83 18.73 -35.23
CA ASN C 78 -10.01 19.53 -34.98
C ASN C 78 -11.21 18.68 -35.39
N ARG C 79 -11.19 17.41 -35.01
CA ARG C 79 -12.28 16.48 -35.32
C ARG C 79 -12.90 15.96 -34.03
N GLU C 80 -14.22 15.77 -34.05
CA GLU C 80 -14.96 15.21 -32.94
C GLU C 80 -14.97 13.71 -33.20
N PHE C 81 -14.34 12.95 -32.32
CA PHE C 81 -14.27 11.49 -32.44
C PHE C 81 -14.68 10.91 -31.09
N HIS C 82 -15.71 10.08 -31.09
CA HIS C 82 -16.20 9.49 -29.87
C HIS C 82 -16.70 8.08 -30.13
N LEU C 83 -15.87 7.07 -29.87
CA LEU C 83 -16.29 5.69 -30.04
C LEU C 83 -17.38 5.35 -29.01
N PRO C 84 -18.49 4.76 -29.44
CA PRO C 84 -19.54 4.43 -28.47
C PRO C 84 -19.10 3.25 -27.58
N ARG C 85 -19.53 3.28 -26.32
CA ARG C 85 -19.19 2.25 -25.36
C ARG C 85 -19.56 0.85 -25.87
N GLU C 86 -20.77 0.73 -26.42
CA GLU C 86 -21.25 -0.56 -26.90
C GLU C 86 -20.44 -1.20 -28.03
N ASN C 87 -19.63 -0.43 -28.75
CA ASN C 87 -18.83 -1.01 -29.82
C ASN C 87 -17.40 -1.41 -29.41
N CYS C 88 -17.05 -1.19 -28.15
CA CYS C 88 -15.69 -1.49 -27.70
C CYS C 88 -15.57 -2.67 -26.76
N ILE C 89 -14.54 -3.46 -27.00
CA ILE C 89 -14.21 -4.64 -26.19
C ILE C 89 -12.78 -4.37 -25.70
N ASP C 90 -12.49 -4.73 -24.44
CA ASP C 90 -11.17 -4.52 -23.86
C ASP C 90 -10.66 -5.86 -23.34
N THR C 91 -9.57 -6.38 -23.91
CA THR C 91 -9.04 -7.66 -23.49
C THR C 91 -8.44 -7.65 -22.09
N LEU C 92 -8.07 -6.47 -21.60
CA LEU C 92 -7.54 -6.38 -20.25
C LEU C 92 -8.74 -6.57 -19.31
N VAL C 93 -9.84 -5.87 -19.60
CA VAL C 93 -11.07 -6.01 -18.81
C VAL C 93 -11.53 -7.48 -18.87
N LEU C 94 -11.51 -8.07 -20.05
CA LEU C 94 -11.92 -9.47 -20.18
C LEU C 94 -11.00 -10.41 -19.39
N SER C 95 -9.70 -10.13 -19.42
CA SER C 95 -8.74 -10.96 -18.69
C SER C 95 -8.95 -10.90 -17.18
N ARG C 96 -9.27 -9.71 -16.69
CA ARG C 96 -9.47 -9.52 -15.25
C ARG C 96 -10.76 -10.20 -14.79
N LEU C 97 -11.66 -10.45 -15.72
CA LEU C 97 -12.91 -11.12 -15.37
C LEU C 97 -12.66 -12.62 -15.36
N ILE C 98 -12.11 -13.13 -16.45
CA ILE C 98 -11.88 -14.54 -16.58
C ILE C 98 -10.74 -15.11 -15.74
N HIS C 99 -9.64 -14.37 -15.60
CA HIS C 99 -8.50 -14.83 -14.78
C HIS C 99 -8.44 -13.98 -13.51
N SER C 100 -9.59 -13.85 -12.83
CA SER C 100 -9.68 -13.04 -11.63
C SER C 100 -8.87 -13.56 -10.45
N ASN C 101 -8.37 -14.79 -10.54
CA ASN C 101 -7.55 -15.34 -9.46
C ASN C 101 -6.09 -14.94 -9.66
N LEU C 102 -5.77 -14.35 -10.81
CA LEU C 102 -4.41 -13.92 -11.09
C LEU C 102 -4.22 -12.41 -10.98
N LYS C 103 -3.03 -11.99 -10.59
CA LYS C 103 -2.71 -10.57 -10.51
C LYS C 103 -2.19 -10.20 -11.88
N ASP C 104 -1.96 -8.91 -12.10
CA ASP C 104 -1.36 -8.46 -13.36
C ASP C 104 -0.62 -7.16 -13.02
N THR C 105 0.29 -6.75 -13.89
CA THR C 105 1.10 -5.57 -13.63
C THR C 105 0.42 -4.24 -13.94
N ASP C 106 -0.87 -4.29 -14.32
CA ASP C 106 -1.65 -3.13 -14.74
C ASP C 106 -0.87 -2.28 -15.73
N MET C 107 -0.55 -2.91 -16.85
CA MET C 107 0.20 -2.31 -17.94
C MET C 107 1.57 -1.78 -17.57
N GLY C 108 2.30 -2.53 -16.75
CA GLY C 108 3.64 -2.12 -16.39
C GLY C 108 3.84 -1.14 -15.25
N LEU C 109 2.76 -0.65 -14.65
CA LEU C 109 2.89 0.29 -13.55
C LEU C 109 3.42 -0.45 -12.30
N LEU C 110 3.22 -1.76 -12.26
CA LEU C 110 3.67 -2.58 -11.13
C LEU C 110 4.78 -3.50 -11.57
N ARG C 111 5.76 -3.69 -10.69
CA ARG C 111 6.89 -4.56 -10.98
C ARG C 111 6.35 -5.99 -10.95
N SER C 112 6.45 -6.69 -12.08
CA SER C 112 5.96 -8.06 -12.15
C SER C 112 6.63 -8.92 -11.09
N GLY C 113 7.91 -8.66 -10.83
CA GLY C 113 8.65 -9.44 -9.85
C GLY C 113 8.08 -9.48 -8.44
N LYS C 114 7.35 -8.45 -8.02
CA LYS C 114 6.78 -8.41 -6.67
C LYS C 114 5.38 -9.03 -6.53
N LEU C 115 4.73 -9.32 -7.63
CA LEU C 115 3.38 -9.89 -7.56
C LEU C 115 3.43 -11.34 -7.13
N PRO C 116 2.40 -11.78 -6.39
CA PRO C 116 2.39 -13.19 -5.97
C PRO C 116 1.68 -14.01 -7.04
N GLY C 117 1.99 -15.30 -7.10
CA GLY C 117 1.35 -16.19 -8.07
C GLY C 117 1.83 -16.10 -9.51
N ALA C 118 1.12 -16.77 -10.40
CA ALA C 118 1.48 -16.74 -11.82
C ALA C 118 0.81 -15.57 -12.55
N LEU C 119 1.29 -15.28 -13.76
CA LEU C 119 0.73 -14.21 -14.59
C LEU C 119 0.38 -14.76 -15.96
N GLU C 120 -0.79 -14.39 -16.48
CA GLU C 120 -1.21 -14.86 -17.80
C GLU C 120 -0.18 -14.33 -18.81
N ALA C 121 0.32 -15.22 -19.66
CA ALA C 121 1.39 -14.89 -20.63
C ALA C 121 1.21 -13.76 -21.63
N TRP C 122 0.12 -13.78 -22.40
CA TRP C 122 -0.10 -12.74 -23.41
C TRP C 122 -0.27 -11.39 -22.72
N GLY C 123 -1.03 -11.36 -21.64
CA GLY C 123 -1.23 -10.12 -20.92
C GLY C 123 0.09 -9.64 -20.36
N TYR C 124 0.95 -10.58 -19.92
CA TYR C 124 2.25 -10.19 -19.40
C TYR C 124 3.04 -9.45 -20.50
N ARG C 125 3.12 -10.05 -21.68
CA ARG C 125 3.84 -9.46 -22.80
C ARG C 125 3.30 -8.06 -23.15
N LEU C 126 1.98 -7.93 -23.19
CA LEU C 126 1.37 -6.64 -23.51
C LEU C 126 1.76 -5.59 -22.46
N GLY C 127 1.74 -5.97 -21.19
CA GLY C 127 2.08 -5.03 -20.13
C GLY C 127 3.55 -4.65 -20.12
N GLU C 128 4.41 -5.53 -20.64
CA GLU C 128 5.85 -5.30 -20.67
C GLU C 128 6.37 -4.63 -21.93
N MET C 129 5.51 -4.47 -22.93
CA MET C 129 5.93 -3.87 -24.19
C MET C 129 6.64 -2.54 -24.06
N LYS C 130 6.13 -1.65 -23.23
CA LYS C 130 6.75 -0.35 -23.09
C LYS C 130 8.18 -0.49 -22.60
N GLY C 131 8.37 -1.31 -21.57
CA GLY C 131 9.70 -1.53 -21.02
C GLY C 131 10.64 -2.21 -22.01
N GLU C 132 10.12 -3.12 -22.82
CA GLU C 132 10.95 -3.81 -23.80
C GLU C 132 11.39 -2.84 -24.89
N TYR C 133 10.46 -2.00 -25.35
CA TYR C 133 10.74 -1.01 -26.38
C TYR C 133 11.84 -0.05 -25.89
N LYS C 134 11.69 0.42 -24.66
CA LYS C 134 12.66 1.33 -24.08
C LYS C 134 14.04 0.70 -24.01
N ASP C 135 14.11 -0.61 -23.73
CA ASP C 135 15.40 -1.28 -23.66
C ASP C 135 16.03 -1.42 -25.04
N ASP C 136 15.21 -1.68 -26.06
CA ASP C 136 15.74 -1.79 -27.42
C ASP C 136 16.28 -0.43 -27.85
N PHE C 137 15.47 0.61 -27.62
CA PHE C 137 15.83 1.97 -27.99
C PHE C 137 17.14 2.37 -27.34
N LYS C 138 17.21 2.20 -26.01
CA LYS C 138 18.40 2.54 -25.24
C LYS C 138 19.62 1.77 -25.77
N ARG C 139 19.41 0.50 -26.08
CA ARG C 139 20.49 -0.34 -26.60
C ARG C 139 20.98 0.21 -27.93
N MET C 140 20.06 0.48 -28.84
CA MET C 140 20.41 1.02 -30.14
C MET C 140 21.13 2.37 -30.06
N LEU C 141 20.65 3.26 -29.19
CA LEU C 141 21.30 4.55 -29.06
C LEU C 141 22.76 4.39 -28.66
N GLU C 142 22.99 3.71 -27.55
CA GLU C 142 24.33 3.48 -27.03
C GLU C 142 25.25 2.78 -28.03
N GLU C 143 24.69 1.89 -28.84
CA GLU C 143 25.48 1.18 -29.84
C GLU C 143 26.04 2.21 -30.82
N GLN C 144 25.33 3.33 -30.95
CA GLN C 144 25.73 4.41 -31.85
C GLN C 144 26.42 5.54 -31.08
N GLY C 145 26.74 5.29 -29.83
CA GLY C 145 27.41 6.31 -29.06
C GLY C 145 26.64 7.53 -28.60
N GLU C 146 25.32 7.61 -28.74
CA GLU C 146 24.69 8.81 -28.22
C GLU C 146 23.94 8.53 -26.92
N GLU C 147 23.88 9.57 -26.09
CA GLU C 147 23.25 9.53 -24.79
C GLU C 147 21.76 9.27 -24.82
N TYR C 148 21.28 8.56 -23.80
CA TYR C 148 19.87 8.26 -23.69
C TYR C 148 19.27 9.17 -22.62
N VAL C 149 18.15 9.80 -22.93
CA VAL C 149 17.45 10.69 -22.00
C VAL C 149 16.12 10.05 -21.61
N ASP C 150 15.84 10.00 -20.31
CA ASP C 150 14.60 9.40 -19.81
C ASP C 150 13.37 9.79 -20.62
N GLY C 151 12.68 8.77 -21.14
CA GLY C 151 11.45 9.00 -21.91
C GLY C 151 11.59 9.38 -23.38
N MET C 152 12.80 9.60 -23.88
CA MET C 152 12.97 10.00 -25.28
C MET C 152 12.45 9.01 -26.33
N GLU C 153 12.33 7.73 -25.98
CA GLU C 153 11.84 6.74 -26.92
C GLU C 153 10.41 7.05 -27.39
N TRP C 154 9.69 7.88 -26.65
CA TRP C 154 8.31 8.20 -27.05
C TRP C 154 8.10 9.55 -27.72
N TRP C 155 9.18 10.31 -27.91
CA TRP C 155 9.01 11.63 -28.51
C TRP C 155 8.70 11.63 -30.00
N ASN C 156 9.36 10.75 -30.74
CA ASN C 156 9.15 10.69 -32.17
C ASN C 156 8.79 9.31 -32.66
N PHE C 157 8.07 9.28 -33.77
CA PHE C 157 7.71 8.04 -34.40
C PHE C 157 8.96 7.46 -35.05
N ASN C 158 9.06 6.14 -35.06
CA ASN C 158 10.17 5.46 -35.71
C ASN C 158 9.66 4.07 -36.05
N GLU C 159 10.35 3.38 -36.94
CA GLU C 159 9.92 2.05 -37.36
C GLU C 159 9.98 0.95 -36.30
N GLU C 160 10.84 1.10 -35.29
CA GLU C 160 10.90 0.08 -34.23
C GLU C 160 9.57 0.17 -33.46
N MET C 161 9.11 1.39 -33.22
CA MET C 161 7.84 1.63 -32.55
C MET C 161 6.69 0.99 -33.36
N MET C 162 6.72 1.20 -34.67
CA MET C 162 5.71 0.64 -35.57
C MET C 162 5.69 -0.89 -35.46
N ASP C 163 6.87 -1.50 -35.36
CA ASP C 163 6.97 -2.95 -35.25
C ASP C 163 6.37 -3.43 -33.94
N TYR C 164 6.57 -2.67 -32.86
CA TYR C 164 5.99 -3.07 -31.59
C TYR C 164 4.46 -2.94 -31.63
N ASN C 165 3.97 -1.95 -32.37
CA ASN C 165 2.54 -1.69 -32.53
C ASN C 165 1.88 -2.90 -33.22
N VAL C 166 2.54 -3.43 -34.24
CA VAL C 166 2.05 -4.59 -34.99
C VAL C 166 2.04 -5.80 -34.05
N GLN C 167 3.16 -6.04 -33.37
CA GLN C 167 3.27 -7.16 -32.42
C GLN C 167 2.15 -7.07 -31.38
N ASP C 168 1.86 -5.87 -30.94
CA ASP C 168 0.81 -5.64 -29.95
C ASP C 168 -0.52 -6.19 -30.41
N VAL C 169 -0.92 -5.87 -31.64
CA VAL C 169 -2.18 -6.33 -32.17
C VAL C 169 -2.15 -7.85 -32.34
N VAL C 170 -1.02 -8.37 -32.80
CA VAL C 170 -0.85 -9.80 -32.94
C VAL C 170 -1.12 -10.52 -31.62
N VAL C 171 -0.54 -9.98 -30.54
CA VAL C 171 -0.71 -10.58 -29.21
C VAL C 171 -2.11 -10.37 -28.63
N THR C 172 -2.68 -9.20 -28.90
CA THR C 172 -4.01 -8.87 -28.42
C THR C 172 -5.02 -9.80 -29.10
N LYS C 173 -4.79 -10.09 -30.37
CA LYS C 173 -5.66 -10.99 -31.10
C LYS C 173 -5.54 -12.39 -30.47
N ALA C 174 -4.30 -12.81 -30.20
CA ALA C 174 -4.08 -14.11 -29.57
C ALA C 174 -4.77 -14.18 -28.21
N LEU C 175 -4.63 -13.13 -27.42
CA LEU C 175 -5.25 -13.06 -26.11
C LEU C 175 -6.77 -13.17 -26.27
N LEU C 176 -7.32 -12.32 -27.13
CA LEU C 176 -8.75 -12.30 -27.37
C LEU C 176 -9.31 -13.69 -27.65
N GLU C 177 -8.70 -14.39 -28.60
CA GLU C 177 -9.15 -15.72 -28.96
C GLU C 177 -9.05 -16.72 -27.82
N LYS C 178 -8.03 -16.57 -26.97
CA LYS C 178 -7.87 -17.45 -25.83
C LYS C 178 -9.02 -17.19 -24.83
N LEU C 179 -9.40 -15.93 -24.68
CA LEU C 179 -10.48 -15.57 -23.75
C LEU C 179 -11.85 -16.03 -24.27
N LEU C 180 -12.06 -15.87 -25.57
CA LEU C 180 -13.33 -16.27 -26.17
C LEU C 180 -13.49 -17.79 -26.15
N SER C 181 -12.39 -18.52 -25.89
CA SER C 181 -12.45 -19.97 -25.86
C SER C 181 -12.97 -20.50 -24.52
N ASP C 182 -13.20 -19.60 -23.57
CA ASP C 182 -13.72 -20.02 -22.26
C ASP C 182 -15.25 -20.20 -22.36
N LYS C 183 -15.68 -21.45 -22.49
CA LYS C 183 -17.09 -21.78 -22.63
C LYS C 183 -18.02 -21.29 -21.53
N HIS C 184 -17.49 -21.06 -20.34
CA HIS C 184 -18.32 -20.57 -19.25
C HIS C 184 -18.88 -19.16 -19.54
N TYR C 185 -18.06 -18.32 -20.19
CA TYR C 185 -18.47 -16.95 -20.51
C TYR C 185 -18.99 -16.79 -21.94
N PHE C 186 -18.50 -17.62 -22.86
CA PHE C 186 -18.92 -17.52 -24.26
C PHE C 186 -19.41 -18.86 -24.85
N PRO C 187 -20.72 -18.99 -25.08
CA PRO C 187 -21.28 -20.23 -25.66
C PRO C 187 -20.47 -20.69 -26.87
N PRO C 188 -20.03 -21.96 -26.88
CA PRO C 188 -19.24 -22.52 -27.96
C PRO C 188 -19.95 -22.56 -29.33
N GLU C 189 -21.28 -22.50 -29.34
CA GLU C 189 -22.01 -22.55 -30.60
C GLU C 189 -21.93 -21.26 -31.41
N ILE C 190 -21.44 -20.19 -30.80
CA ILE C 190 -21.33 -18.91 -31.47
C ILE C 190 -19.87 -18.52 -31.69
N ASP C 191 -19.57 -17.98 -32.88
CA ASP C 191 -18.22 -17.49 -33.19
C ASP C 191 -18.30 -16.00 -32.87
N PHE C 192 -17.76 -15.59 -31.72
CA PHE C 192 -17.85 -14.18 -31.33
C PHE C 192 -16.97 -13.20 -32.10
N THR C 193 -16.17 -13.70 -33.03
CA THR C 193 -15.34 -12.82 -33.84
C THR C 193 -16.11 -12.56 -35.14
N ASP C 194 -17.34 -13.05 -35.20
CA ASP C 194 -18.14 -12.86 -36.39
C ASP C 194 -19.59 -12.46 -36.08
N VAL C 195 -19.75 -11.55 -35.13
CA VAL C 195 -21.07 -11.07 -34.76
C VAL C 195 -21.06 -9.55 -34.54
N GLY C 196 -22.24 -8.94 -34.64
CA GLY C 196 -22.37 -7.51 -34.42
C GLY C 196 -22.33 -7.24 -32.93
N TYR C 197 -22.19 -5.97 -32.54
CA TYR C 197 -22.10 -5.65 -31.13
C TYR C 197 -23.30 -6.11 -30.30
N THR C 198 -24.52 -5.98 -30.83
CA THR C 198 -25.67 -6.40 -30.05
C THR C 198 -25.63 -7.90 -29.70
N THR C 199 -25.28 -8.73 -30.67
CA THR C 199 -25.18 -10.18 -30.42
C THR C 199 -24.08 -10.49 -29.40
N PHE C 200 -22.96 -9.77 -29.49
CA PHE C 200 -21.85 -10.01 -28.59
C PHE C 200 -22.24 -9.84 -27.12
N TRP C 201 -22.91 -8.75 -26.79
CA TRP C 201 -23.32 -8.51 -25.42
C TRP C 201 -24.50 -9.39 -24.97
N SER C 202 -25.46 -9.62 -25.87
CA SER C 202 -26.63 -10.42 -25.52
C SER C 202 -26.40 -11.93 -25.41
N GLU C 203 -25.49 -12.49 -26.20
CA GLU C 203 -25.23 -13.93 -26.16
C GLU C 203 -24.13 -14.33 -25.17
N SER C 204 -23.30 -13.38 -24.73
CA SER C 204 -22.24 -13.73 -23.78
C SER C 204 -22.79 -13.64 -22.36
N LEU C 205 -22.09 -14.23 -21.40
CA LEU C 205 -22.53 -14.22 -20.01
C LEU C 205 -22.72 -12.76 -19.57
N GLU C 206 -23.73 -12.50 -18.74
CA GLU C 206 -24.03 -11.15 -18.25
C GLU C 206 -22.80 -10.41 -17.70
N ALA C 207 -21.95 -11.12 -16.95
CA ALA C 207 -20.75 -10.53 -16.37
C ALA C 207 -19.86 -9.81 -17.40
N VAL C 208 -19.84 -10.28 -18.64
CA VAL C 208 -19.01 -9.66 -19.67
C VAL C 208 -19.46 -8.21 -19.94
N ASP C 209 -20.77 -8.05 -20.06
CA ASP C 209 -21.36 -6.74 -20.31
C ASP C 209 -21.17 -5.85 -19.09
N ILE C 210 -21.41 -6.39 -17.91
CA ILE C 210 -21.27 -5.62 -16.68
C ILE C 210 -19.84 -5.11 -16.44
N GLU C 211 -18.85 -5.97 -16.67
CA GLU C 211 -17.47 -5.54 -16.48
C GLU C 211 -17.06 -4.45 -17.48
N HIS C 212 -17.55 -4.51 -18.71
CA HIS C 212 -17.19 -3.47 -19.68
C HIS C 212 -17.87 -2.14 -19.33
N ARG C 213 -19.12 -2.19 -18.87
CA ARG C 213 -19.81 -0.95 -18.48
C ARG C 213 -19.10 -0.35 -17.25
N ALA C 214 -18.70 -1.20 -16.32
CA ALA C 214 -18.01 -0.74 -15.13
C ALA C 214 -16.68 -0.09 -15.51
N ALA C 215 -15.92 -0.73 -16.38
CA ALA C 215 -14.62 -0.18 -16.77
C ALA C 215 -14.78 1.15 -17.51
N TRP C 216 -15.82 1.26 -18.33
CA TRP C 216 -16.05 2.49 -19.09
C TRP C 216 -16.37 3.62 -18.12
N LEU C 217 -17.25 3.35 -17.17
CA LEU C 217 -17.64 4.34 -16.18
C LEU C 217 -16.47 4.71 -15.25
N LEU C 218 -15.70 3.74 -14.78
CA LEU C 218 -14.60 4.05 -13.88
C LEU C 218 -13.45 4.79 -14.56
N ALA C 219 -13.26 4.55 -15.86
CA ALA C 219 -12.24 5.28 -16.61
C ALA C 219 -12.66 6.75 -16.61
N LYS C 220 -13.96 7.01 -16.79
CA LYS C 220 -14.44 8.39 -16.77
C LYS C 220 -14.22 9.00 -15.37
N GLN C 221 -14.49 8.21 -14.34
CA GLN C 221 -14.29 8.67 -12.96
C GLN C 221 -12.82 9.05 -12.73
N GLU C 222 -11.91 8.25 -13.26
CA GLU C 222 -10.48 8.55 -13.11
C GLU C 222 -10.18 9.88 -13.78
N ARG C 223 -10.72 10.05 -14.99
CA ARG C 223 -10.50 11.29 -15.71
C ARG C 223 -11.12 12.49 -14.99
N ASN C 224 -12.26 12.30 -14.32
CA ASN C 224 -12.88 13.40 -13.58
C ASN C 224 -11.94 13.87 -12.43
N GLY C 225 -11.49 12.91 -11.63
CA GLY C 225 -10.63 13.22 -10.50
C GLY C 225 -11.45 13.61 -9.28
N PHE C 226 -10.80 13.68 -8.13
CA PHE C 226 -11.47 14.08 -6.91
C PHE C 226 -10.89 15.45 -6.54
N PRO C 227 -11.72 16.51 -6.54
CA PRO C 227 -11.24 17.86 -6.20
C PRO C 227 -10.55 17.80 -4.85
N PHE C 228 -9.36 18.37 -4.77
CA PHE C 228 -8.53 18.30 -3.57
C PHE C 228 -8.05 19.66 -3.07
N ASP C 229 -8.13 19.89 -1.76
CA ASP C 229 -7.73 21.17 -1.17
C ASP C 229 -6.24 21.13 -0.81
N THR C 230 -5.39 21.38 -1.80
CA THR C 230 -3.95 21.35 -1.59
C THR C 230 -3.45 22.23 -0.44
N LYS C 231 -3.92 23.48 -0.38
CA LYS C 231 -3.48 24.40 0.68
C LYS C 231 -3.83 23.87 2.07
N ALA C 232 -5.01 23.28 2.23
CA ALA C 232 -5.39 22.73 3.51
C ALA C 232 -4.44 21.63 3.97
N ILE C 233 -4.06 20.75 3.04
CA ILE C 233 -3.17 19.66 3.41
C ILE C 233 -1.76 20.15 3.66
N GLU C 234 -1.32 21.18 2.94
CA GLU C 234 0.01 21.73 3.15
C GLU C 234 0.07 22.31 4.56
N GLU C 235 -1.04 22.89 5.03
CA GLU C 235 -1.11 23.47 6.37
C GLU C 235 -1.23 22.35 7.40
N LEU C 236 -1.91 21.27 7.06
CA LEU C 236 -2.04 20.16 8.00
C LEU C 236 -0.65 19.55 8.18
N TYR C 237 0.10 19.50 7.09
CA TYR C 237 1.45 18.93 7.10
C TYR C 237 2.41 19.72 8.00
N VAL C 238 2.28 21.05 8.02
CA VAL C 238 3.14 21.87 8.89
C VAL C 238 2.81 21.53 10.35
N GLU C 239 1.51 21.45 10.66
CA GLU C 239 1.05 21.12 12.00
C GLU C 239 1.56 19.74 12.47
N LEU C 240 1.40 18.73 11.62
CA LEU C 240 1.83 17.37 11.94
C LEU C 240 3.35 17.31 12.09
N ALA C 241 4.06 17.97 11.19
CA ALA C 241 5.51 17.99 11.22
C ALA C 241 6.03 18.61 12.52
N ALA C 242 5.38 19.68 12.98
CA ALA C 242 5.80 20.34 14.22
C ALA C 242 5.54 19.42 15.41
N ARG C 243 4.40 18.73 15.41
CA ARG C 243 4.10 17.82 16.50
C ARG C 243 5.07 16.65 16.48
N ARG C 244 5.43 16.19 15.28
CA ARG C 244 6.36 15.07 15.17
C ARG C 244 7.69 15.45 15.81
N SER C 245 8.21 16.62 15.46
CA SER C 245 9.49 17.10 15.99
C SER C 245 9.46 17.22 17.51
N GLU C 246 8.35 17.73 18.05
CA GLU C 246 8.22 17.89 19.48
C GLU C 246 8.20 16.52 20.19
N LEU C 247 7.52 15.54 19.60
CA LEU C 247 7.46 14.21 20.19
C LEU C 247 8.84 13.57 20.14
N LEU C 248 9.55 13.77 19.03
CA LEU C 248 10.89 13.21 18.89
C LEU C 248 11.81 13.85 19.94
N ARG C 249 11.68 15.17 20.10
CA ARG C 249 12.49 15.90 21.07
C ARG C 249 12.28 15.29 22.47
N LYS C 250 11.03 15.06 22.83
CA LYS C 250 10.71 14.48 24.14
C LYS C 250 11.15 13.02 24.28
N LEU C 251 11.01 12.26 23.21
CA LEU C 251 11.37 10.86 23.25
C LEU C 251 12.88 10.62 23.24
N THR C 252 13.63 11.44 22.51
CA THR C 252 15.07 11.27 22.48
C THR C 252 15.67 11.68 23.82
N GLU C 253 15.01 12.59 24.53
CA GLU C 253 15.51 13.00 25.84
C GLU C 253 15.31 11.83 26.81
N THR C 254 14.12 11.23 26.78
CA THR C 254 13.77 10.10 27.63
C THR C 254 14.57 8.83 27.31
N PHE C 255 14.66 8.48 26.03
CA PHE C 255 15.41 7.30 25.60
C PHE C 255 16.69 7.77 24.92
N GLY C 256 17.83 7.56 25.57
CA GLY C 256 19.09 8.01 25.02
C GLY C 256 19.62 7.17 23.88
N SER C 257 20.58 7.75 23.15
CA SER C 257 21.20 7.06 22.03
C SER C 257 22.18 6.02 22.58
N TRP C 258 22.66 5.14 21.73
CA TRP C 258 23.57 4.08 22.15
C TRP C 258 24.46 3.65 20.98
N TYR C 259 25.39 2.74 21.25
CA TYR C 259 26.27 2.25 20.20
C TYR C 259 25.99 0.80 19.86
N GLN C 260 26.13 0.48 18.58
CA GLN C 260 25.91 -0.88 18.09
C GLN C 260 27.04 -1.25 17.15
N PRO C 261 27.35 -2.56 17.06
CA PRO C 261 28.41 -3.02 16.16
C PRO C 261 28.02 -2.62 14.75
N LYS C 262 28.99 -2.22 13.93
CA LYS C 262 28.69 -1.84 12.57
C LYS C 262 29.92 -1.74 11.69
N GLY C 263 29.96 -2.53 10.62
CA GLY C 263 31.09 -2.47 9.71
C GLY C 263 32.20 -3.45 9.99
N GLY C 264 31.99 -4.36 10.93
CA GLY C 264 33.01 -5.34 11.25
C GLY C 264 33.18 -6.32 10.11
N THR C 265 34.43 -6.58 9.74
CA THR C 265 34.74 -7.50 8.65
C THR C 265 34.92 -8.94 9.10
N GLU C 266 36.00 -9.20 9.81
CA GLU C 266 36.30 -10.55 10.25
C GLU C 266 35.65 -10.99 11.54
N MET C 267 35.63 -12.29 11.74
CA MET C 267 35.03 -12.86 12.92
C MET C 267 35.99 -12.80 14.11
N PHE C 268 35.44 -12.57 15.30
CA PHE C 268 36.26 -12.52 16.50
C PHE C 268 36.57 -13.96 16.88
N CYS C 269 37.85 -14.27 17.03
CA CYS C 269 38.27 -15.61 17.43
C CYS C 269 38.95 -15.55 18.79
N HIS C 270 38.66 -16.55 19.62
CA HIS C 270 39.27 -16.58 20.95
C HIS C 270 40.78 -16.57 20.78
N PRO C 271 41.47 -15.63 21.43
CA PRO C 271 42.94 -15.46 21.38
C PRO C 271 43.76 -16.64 21.87
N ARG C 272 43.20 -17.42 22.80
CA ARG C 272 43.92 -18.57 23.35
C ARG C 272 43.70 -19.87 22.56
N THR C 273 42.45 -20.28 22.40
CA THR C 273 42.14 -21.51 21.68
C THR C 273 41.95 -21.29 20.17
N GLY C 274 41.63 -20.07 19.78
CA GLY C 274 41.42 -19.79 18.38
C GLY C 274 40.01 -20.12 17.94
N LYS C 275 39.19 -20.56 18.89
CA LYS C 275 37.81 -20.92 18.59
C LYS C 275 37.03 -19.75 18.01
N PRO C 276 36.49 -19.90 16.80
CA PRO C 276 35.72 -18.82 16.19
C PRO C 276 34.57 -18.46 17.11
N LEU C 277 34.28 -17.17 17.25
CA LEU C 277 33.19 -16.74 18.11
C LEU C 277 32.16 -16.00 17.29
N PRO C 278 31.39 -16.74 16.47
CA PRO C 278 30.34 -16.24 15.58
C PRO C 278 29.36 -15.25 16.19
N LYS C 279 29.01 -15.43 17.46
CA LYS C 279 28.05 -14.55 18.12
C LYS C 279 28.58 -13.16 18.51
N TYR C 280 29.89 -13.05 18.75
CA TYR C 280 30.48 -11.76 19.10
C TYR C 280 30.39 -10.84 17.88
N PRO C 281 30.36 -9.51 18.11
CA PRO C 281 30.29 -8.56 17.00
C PRO C 281 31.54 -8.74 16.13
N ARG C 282 31.44 -8.38 14.86
CA ARG C 282 32.57 -8.52 13.95
C ARG C 282 33.61 -7.44 14.21
N ILE C 283 34.86 -7.81 14.01
CA ILE C 283 35.98 -6.90 14.26
C ILE C 283 36.74 -6.58 12.99
N LYS C 284 37.74 -5.73 13.15
CA LYS C 284 38.63 -5.36 12.07
C LYS C 284 40.02 -5.41 12.70
N THR C 285 41.01 -5.83 11.93
CA THR C 285 42.37 -5.93 12.43
C THR C 285 43.31 -5.06 11.60
N PRO C 286 43.68 -3.88 12.13
CA PRO C 286 44.58 -2.95 11.44
C PRO C 286 45.74 -3.68 10.77
N LYS C 287 45.97 -3.36 9.49
CA LYS C 287 47.05 -3.98 8.75
C LYS C 287 48.30 -3.13 8.94
N VAL C 288 48.08 -1.85 9.21
CA VAL C 288 49.18 -0.91 9.41
C VAL C 288 48.99 -0.10 10.70
N GLY C 289 50.09 0.44 11.21
CA GLY C 289 50.01 1.24 12.43
C GLY C 289 50.93 0.75 13.53
N GLY C 290 51.49 1.71 14.27
CA GLY C 290 52.36 1.37 15.38
C GLY C 290 52.46 2.52 16.34
N ILE C 291 53.35 2.43 17.30
CA ILE C 291 53.54 3.49 18.27
C ILE C 291 54.43 4.57 17.68
N PHE C 292 55.55 4.14 17.08
CA PHE C 292 56.50 5.06 16.47
C PHE C 292 56.58 4.88 14.96
N LYS C 293 57.34 5.76 14.31
CA LYS C 293 57.54 5.70 12.86
C LYS C 293 58.90 5.09 12.59
N CYS C 307 62.58 8.19 18.31
CA CYS C 307 61.79 7.99 17.10
C CYS C 307 60.53 8.85 17.12
N GLU C 308 60.08 9.26 15.94
CA GLU C 308 58.90 10.10 15.81
C GLU C 308 57.63 9.29 16.09
N LEU C 309 56.73 9.86 16.89
CA LEU C 309 55.48 9.19 17.23
C LEU C 309 54.49 9.10 16.08
N ASP C 310 53.84 7.95 15.97
CA ASP C 310 52.84 7.73 14.94
C ASP C 310 51.48 8.21 15.48
N THR C 311 50.99 9.32 14.94
CA THR C 311 49.71 9.87 15.39
C THR C 311 48.53 9.29 14.64
N ARG C 312 48.65 8.01 14.27
CA ARG C 312 47.55 7.33 13.60
C ARG C 312 46.86 6.55 14.72
N GLU C 313 45.55 6.39 14.61
CA GLU C 313 44.78 5.71 15.65
C GLU C 313 44.93 4.20 15.75
N TYR C 314 45.37 3.54 14.68
CA TYR C 314 45.48 2.09 14.74
C TYR C 314 46.87 1.51 14.89
N VAL C 315 46.90 0.27 15.38
CA VAL C 315 48.14 -0.47 15.60
C VAL C 315 48.00 -1.84 14.91
N ALA C 316 48.93 -2.11 14.00
CA ALA C 316 48.91 -3.37 13.24
C ALA C 316 48.73 -4.58 14.16
N GLY C 317 47.68 -5.35 13.90
CA GLY C 317 47.42 -6.53 14.71
C GLY C 317 46.55 -6.32 15.94
N ALA C 318 46.28 -5.06 16.30
CA ALA C 318 45.45 -4.74 17.46
C ALA C 318 44.00 -4.59 16.98
N PRO C 319 43.19 -5.66 17.14
CA PRO C 319 41.79 -5.65 16.72
C PRO C 319 40.88 -4.73 17.52
N TYR C 320 39.80 -4.31 16.87
CA TYR C 320 38.80 -3.48 17.51
C TYR C 320 37.45 -3.76 16.88
N THR C 321 36.40 -3.28 17.54
CA THR C 321 35.06 -3.48 17.03
C THR C 321 34.49 -2.19 16.48
N PRO C 322 34.27 -2.13 15.16
CA PRO C 322 33.72 -0.92 14.54
C PRO C 322 32.30 -0.75 15.10
N VAL C 323 31.91 0.47 15.47
CA VAL C 323 30.57 0.69 16.00
C VAL C 323 29.99 1.97 15.44
N GLU C 324 28.67 2.10 15.55
CA GLU C 324 27.98 3.29 15.07
C GLU C 324 27.09 3.85 16.17
N HIS C 325 26.91 5.15 16.18
CA HIS C 325 26.07 5.81 17.17
C HIS C 325 24.62 5.77 16.65
N VAL C 326 23.70 5.28 17.47
CA VAL C 326 22.30 5.21 17.05
C VAL C 326 21.39 6.06 17.93
N VAL C 327 20.58 6.91 17.31
CA VAL C 327 19.66 7.75 18.07
C VAL C 327 18.30 7.06 18.07
N PHE C 328 17.60 7.15 19.20
CA PHE C 328 16.29 6.51 19.32
C PHE C 328 15.37 6.96 18.17
N ASN C 329 14.80 5.98 17.46
CA ASN C 329 13.88 6.25 16.36
C ASN C 329 12.54 5.62 16.70
N PRO C 330 11.54 6.44 17.03
CA PRO C 330 10.20 6.00 17.41
C PRO C 330 9.49 5.19 16.32
N SER C 331 9.91 5.35 15.06
CA SER C 331 9.28 4.57 13.98
C SER C 331 9.89 3.18 13.94
N SER C 332 10.95 2.95 14.70
CA SER C 332 11.58 1.63 14.72
C SER C 332 11.03 0.77 15.83
N ARG C 333 10.31 -0.29 15.45
CA ARG C 333 9.72 -1.18 16.42
C ARG C 333 10.77 -2.00 17.17
N ASP C 334 11.98 -2.04 16.63
CA ASP C 334 13.08 -2.74 17.28
C ASP C 334 13.65 -1.82 18.36
N HIS C 335 13.76 -0.52 18.09
CA HIS C 335 14.25 0.43 19.08
C HIS C 335 13.29 0.42 20.26
N ILE C 336 12.01 0.48 19.93
CA ILE C 336 10.94 0.46 20.92
C ILE C 336 11.05 -0.77 21.81
N GLN C 337 11.19 -1.93 21.18
CA GLN C 337 11.29 -3.17 21.93
C GLN C 337 12.55 -3.16 22.81
N LYS C 338 13.66 -2.69 22.26
CA LYS C 338 14.90 -2.63 23.02
C LYS C 338 14.79 -1.77 24.27
N LYS C 339 14.24 -0.56 24.12
CA LYS C 339 14.12 0.33 25.26
C LYS C 339 13.09 -0.11 26.30
N LEU C 340 11.97 -0.65 25.87
CA LEU C 340 10.95 -1.10 26.81
C LEU C 340 11.38 -2.33 27.61
N GLN C 341 12.13 -3.24 26.99
CA GLN C 341 12.55 -4.41 27.75
C GLN C 341 13.55 -3.95 28.80
N GLU C 342 14.42 -3.01 28.44
CA GLU C 342 15.40 -2.50 29.39
C GLU C 342 14.68 -1.81 30.52
N ALA C 343 13.45 -1.38 30.28
CA ALA C 343 12.65 -0.72 31.32
C ALA C 343 11.85 -1.76 32.11
N GLY C 344 12.07 -3.04 31.79
CA GLY C 344 11.36 -4.09 32.52
C GLY C 344 10.17 -4.75 31.85
N TRP C 345 9.96 -4.50 30.57
CA TRP C 345 8.82 -5.10 29.87
C TRP C 345 9.12 -6.55 29.45
N VAL C 346 8.18 -7.44 29.73
CA VAL C 346 8.33 -8.84 29.37
C VAL C 346 7.29 -9.15 28.28
N PRO C 347 7.76 -9.34 27.03
CA PRO C 347 6.89 -9.63 25.89
C PRO C 347 6.18 -10.97 26.04
N THR C 348 4.93 -11.03 25.60
CA THR C 348 4.16 -12.25 25.68
C THR C 348 3.77 -12.72 24.26
N LYS C 349 3.65 -11.76 23.34
CA LYS C 349 3.29 -12.08 21.96
C LYS C 349 4.50 -11.93 21.06
N TYR C 350 4.83 -13.00 20.34
CA TYR C 350 5.97 -12.98 19.43
C TYR C 350 5.53 -13.26 18.00
N THR C 351 6.41 -12.97 17.04
CA THR C 351 6.14 -13.20 15.63
C THR C 351 6.84 -14.48 15.19
N ASP C 352 6.45 -14.99 14.02
CA ASP C 352 7.05 -16.21 13.48
C ASP C 352 8.57 -16.12 13.48
N LYS C 353 9.09 -14.97 13.06
CA LYS C 353 10.54 -14.76 13.01
C LYS C 353 11.11 -14.66 14.43
N GLY C 354 10.24 -14.77 15.42
CA GLY C 354 10.67 -14.71 16.80
C GLY C 354 10.79 -13.30 17.39
N ALA C 355 10.40 -12.29 16.62
CA ALA C 355 10.47 -10.92 17.10
C ALA C 355 9.25 -10.63 17.97
N PRO C 356 9.43 -9.80 19.00
CA PRO C 356 8.32 -9.43 19.89
C PRO C 356 7.35 -8.56 19.10
N VAL C 357 6.04 -8.77 19.28
CA VAL C 357 5.07 -7.96 18.59
C VAL C 357 5.05 -6.57 19.22
N VAL C 358 5.16 -5.55 18.39
CA VAL C 358 5.14 -4.19 18.90
C VAL C 358 4.11 -3.37 18.13
N ASP C 359 2.84 -3.60 18.41
CA ASP C 359 1.80 -2.85 17.73
C ASP C 359 1.01 -2.08 18.78
N ASP C 360 0.12 -1.21 18.31
CA ASP C 360 -0.68 -0.38 19.21
C ASP C 360 -1.43 -1.11 20.34
N GLU C 361 -1.98 -2.29 20.08
CA GLU C 361 -2.70 -3.00 21.12
C GLU C 361 -1.73 -3.46 22.20
N VAL C 362 -0.63 -4.06 21.79
CA VAL C 362 0.39 -4.50 22.74
C VAL C 362 0.89 -3.28 23.54
N LEU C 363 1.30 -2.23 22.84
CA LEU C 363 1.81 -1.02 23.50
C LEU C 363 0.81 -0.47 24.52
N GLU C 364 -0.47 -0.56 24.19
CA GLU C 364 -1.50 -0.06 25.11
C GLU C 364 -1.41 -0.86 26.41
N GLY C 365 -1.04 -2.13 26.31
CA GLY C 365 -0.96 -2.97 27.50
C GLY C 365 0.36 -3.01 28.25
N VAL C 366 1.41 -2.38 27.72
CA VAL C 366 2.70 -2.40 28.40
C VAL C 366 2.73 -1.60 29.71
N ARG C 367 3.28 -2.24 30.74
CA ARG C 367 3.40 -1.59 32.04
C ARG C 367 4.84 -1.69 32.53
N VAL C 368 5.46 -0.54 32.79
CA VAL C 368 6.83 -0.49 33.31
C VAL C 368 6.74 0.46 34.50
N ASP C 369 7.53 0.24 35.54
CA ASP C 369 7.41 1.10 36.72
C ASP C 369 8.02 2.50 36.65
N ASP C 370 8.90 2.77 35.70
CA ASP C 370 9.46 4.12 35.59
C ASP C 370 8.34 4.99 35.00
N PRO C 371 7.82 5.94 35.80
CA PRO C 371 6.74 6.85 35.39
C PRO C 371 6.94 7.55 34.05
N GLU C 372 8.11 8.15 33.87
CA GLU C 372 8.39 8.86 32.63
C GLU C 372 8.42 7.94 31.40
N LYS C 373 8.92 6.73 31.56
CA LYS C 373 8.98 5.78 30.45
C LYS C 373 7.59 5.20 30.17
N GLN C 374 6.77 5.12 31.20
CA GLN C 374 5.42 4.62 31.03
C GLN C 374 4.65 5.65 30.21
N ALA C 375 4.82 6.93 30.56
CA ALA C 375 4.16 8.02 29.86
C ALA C 375 4.67 8.16 28.43
N ALA C 376 5.94 7.81 28.21
CA ALA C 376 6.56 7.91 26.89
C ALA C 376 5.96 6.92 25.89
N ILE C 377 5.25 5.91 26.39
CA ILE C 377 4.62 4.92 25.53
C ILE C 377 3.46 5.59 24.78
N ASP C 378 2.75 6.49 25.46
CA ASP C 378 1.66 7.22 24.83
C ASP C 378 2.24 8.16 23.78
N LEU C 379 3.42 8.69 24.04
CA LEU C 379 4.05 9.60 23.09
C LEU C 379 4.46 8.84 21.82
N ILE C 380 4.88 7.60 22.03
CA ILE C 380 5.31 6.74 20.95
C ILE C 380 4.13 6.34 20.06
N LYS C 381 2.99 6.05 20.70
CA LYS C 381 1.80 5.67 19.94
C LYS C 381 1.30 6.87 19.14
N GLU C 382 1.36 8.06 19.75
CA GLU C 382 0.94 9.27 19.06
C GLU C 382 1.88 9.55 17.91
N TYR C 383 3.17 9.29 18.12
CA TYR C 383 4.16 9.52 17.08
C TYR C 383 3.95 8.60 15.88
N LEU C 384 3.64 7.34 16.14
CA LEU C 384 3.42 6.38 15.06
C LEU C 384 2.23 6.83 14.21
N MET C 385 1.17 7.28 14.87
CA MET C 385 -0.05 7.75 14.21
C MET C 385 0.21 9.03 13.38
N ILE C 386 0.96 9.97 13.94
CA ILE C 386 1.32 11.21 13.26
C ILE C 386 2.10 10.90 11.98
N GLN C 387 3.05 9.97 12.09
CA GLN C 387 3.87 9.59 10.95
C GLN C 387 2.99 8.94 9.88
N LYS C 388 2.05 8.11 10.30
CA LYS C 388 1.11 7.46 9.39
C LYS C 388 0.42 8.52 8.55
N ARG C 389 -0.10 9.55 9.22
CA ARG C 389 -0.80 10.63 8.54
C ARG C 389 0.12 11.42 7.62
N ILE C 390 1.33 11.69 8.07
CA ILE C 390 2.29 12.44 7.28
C ILE C 390 2.70 11.64 6.04
N GLY C 391 2.91 10.34 6.22
CA GLY C 391 3.31 9.50 5.10
C GLY C 391 2.23 9.44 4.04
N GLN C 392 0.98 9.34 4.46
CA GLN C 392 -0.13 9.25 3.51
C GLN C 392 -0.45 10.55 2.80
N SER C 393 -0.44 11.66 3.53
CA SER C 393 -0.79 12.94 2.93
C SER C 393 0.35 13.70 2.25
N ALA C 394 1.57 13.54 2.77
CA ALA C 394 2.68 14.32 2.26
C ALA C 394 4.03 13.69 1.92
N GLU C 395 4.55 12.80 2.76
CA GLU C 395 5.88 12.24 2.50
C GLU C 395 6.02 10.91 1.79
N GLY C 396 5.00 10.06 1.84
CA GLY C 396 5.11 8.78 1.17
C GLY C 396 5.23 8.91 -0.33
N ASP C 397 5.74 7.87 -0.99
CA ASP C 397 5.89 7.87 -2.45
C ASP C 397 4.54 8.10 -3.13
N LYS C 398 3.48 7.67 -2.48
CA LYS C 398 2.14 7.82 -3.01
C LYS C 398 1.32 8.87 -2.25
N ALA C 399 1.98 9.85 -1.64
CA ALA C 399 1.29 10.89 -0.89
C ALA C 399 0.36 11.74 -1.75
N TRP C 400 -0.73 12.19 -1.15
CA TRP C 400 -1.71 13.01 -1.87
C TRP C 400 -1.07 14.23 -2.51
N LEU C 401 -0.19 14.92 -1.77
CA LEU C 401 0.45 16.12 -2.30
C LEU C 401 1.33 15.84 -3.51
N ARG C 402 1.79 14.60 -3.64
CA ARG C 402 2.61 14.23 -4.79
C ARG C 402 1.74 13.88 -5.99
N TYR C 403 0.47 13.57 -5.76
CA TYR C 403 -0.40 13.21 -6.86
C TYR C 403 -1.40 14.27 -7.33
N VAL C 404 -1.67 15.31 -6.52
CA VAL C 404 -2.64 16.32 -6.96
C VAL C 404 -2.15 16.95 -8.27
N ALA C 405 -3.01 16.98 -9.29
CA ALA C 405 -2.65 17.52 -10.60
C ALA C 405 -2.83 19.02 -10.72
N GLU C 406 -2.50 19.55 -11.90
CA GLU C 406 -2.62 20.98 -12.17
C GLU C 406 -4.07 21.44 -12.08
N ASP C 407 -5.02 20.57 -12.42
CA ASP C 407 -6.42 20.94 -12.35
C ASP C 407 -6.94 20.98 -10.90
N GLY C 408 -6.04 20.77 -9.94
CA GLY C 408 -6.46 20.77 -8.55
C GLY C 408 -7.22 19.51 -8.13
N LYS C 409 -7.03 18.43 -8.87
CA LYS C 409 -7.72 17.18 -8.56
C LYS C 409 -6.74 16.02 -8.47
N ILE C 410 -7.11 15.01 -7.70
CA ILE C 410 -6.30 13.81 -7.58
C ILE C 410 -7.00 12.76 -8.43
N HIS C 411 -6.28 12.23 -9.40
CA HIS C 411 -6.85 11.24 -10.31
C HIS C 411 -6.38 9.84 -9.95
N GLY C 412 -6.96 9.27 -8.88
CA GLY C 412 -6.58 7.93 -8.46
C GLY C 412 -7.00 6.86 -9.44
N SER C 413 -6.19 5.83 -9.54
CA SER C 413 -6.46 4.74 -10.46
C SER C 413 -7.39 3.72 -9.82
N VAL C 414 -8.20 3.06 -10.65
CA VAL C 414 -9.12 2.05 -10.14
C VAL C 414 -9.08 0.82 -11.07
N ASN C 415 -8.87 -0.35 -10.49
CA ASN C 415 -8.89 -1.59 -11.27
C ASN C 415 -10.29 -2.10 -10.89
N PRO C 416 -11.28 -1.91 -11.78
CA PRO C 416 -12.68 -2.29 -11.61
C PRO C 416 -12.97 -3.69 -11.11
N ASN C 417 -12.05 -4.62 -11.34
CA ASN C 417 -12.25 -5.99 -10.92
C ASN C 417 -10.91 -6.50 -10.39
N GLY C 418 -10.28 -5.70 -9.55
CA GLY C 418 -8.99 -6.04 -8.98
C GLY C 418 -8.92 -7.17 -7.98
N ALA C 419 -9.97 -7.40 -7.21
CA ALA C 419 -9.98 -8.48 -6.21
C ALA C 419 -10.72 -9.72 -6.73
N VAL C 420 -10.37 -10.88 -6.20
CA VAL C 420 -11.00 -12.14 -6.63
C VAL C 420 -12.53 -12.14 -6.55
N THR C 421 -13.07 -11.52 -5.51
CA THR C 421 -14.52 -11.44 -5.30
C THR C 421 -15.28 -10.52 -6.26
N GLY C 422 -14.55 -9.76 -7.07
CA GLY C 422 -15.22 -8.86 -7.97
C GLY C 422 -15.17 -7.42 -7.48
N ARG C 423 -14.59 -7.20 -6.30
CA ARG C 423 -14.45 -5.85 -5.77
C ARG C 423 -13.42 -5.14 -6.62
N ALA C 424 -13.45 -3.82 -6.62
CA ALA C 424 -12.45 -3.04 -7.34
C ALA C 424 -11.26 -2.85 -6.40
N THR C 425 -10.11 -2.47 -6.95
CA THR C 425 -8.96 -2.14 -6.11
C THR C 425 -8.59 -0.71 -6.51
N HIS C 426 -8.00 0.03 -5.60
CA HIS C 426 -7.68 1.42 -5.87
C HIS C 426 -6.23 1.70 -5.52
N ALA C 427 -5.59 2.55 -6.31
CA ALA C 427 -4.18 2.86 -6.06
C ALA C 427 -3.73 4.10 -6.81
N PHE C 428 -2.59 4.63 -6.39
CA PHE C 428 -1.97 5.78 -7.02
C PHE C 428 -2.69 7.11 -6.96
N PRO C 429 -3.10 7.55 -5.77
CA PRO C 429 -2.97 6.91 -4.46
C PRO C 429 -4.26 6.11 -4.25
N ASN C 430 -4.32 5.32 -3.19
CA ASN C 430 -5.52 4.53 -2.93
C ASN C 430 -6.56 5.43 -2.24
N LEU C 431 -7.56 5.90 -2.99
CA LEU C 431 -8.59 6.77 -2.44
C LEU C 431 -9.64 6.02 -1.59
N ALA C 432 -9.45 4.71 -1.46
CA ALA C 432 -10.34 3.88 -0.65
C ALA C 432 -9.73 3.63 0.74
N GLN C 433 -8.67 4.36 1.09
CA GLN C 433 -8.04 4.20 2.41
C GLN C 433 -7.75 5.56 3.09
N ILE C 434 -8.55 6.57 2.76
CA ILE C 434 -8.39 7.88 3.39
C ILE C 434 -8.94 7.74 4.83
N PRO C 435 -8.21 8.28 5.82
CA PRO C 435 -8.69 8.15 7.21
C PRO C 435 -10.14 8.59 7.42
N GLY C 436 -10.89 7.77 8.15
CA GLY C 436 -12.29 8.06 8.43
C GLY C 436 -12.43 9.21 9.41
N VAL C 437 -13.61 9.84 9.44
CA VAL C 437 -13.84 10.97 10.33
C VAL C 437 -13.72 10.62 11.81
N ARG C 438 -13.82 9.34 12.14
CA ARG C 438 -13.71 8.91 13.54
C ARG C 438 -12.29 8.75 14.03
N SER C 439 -11.32 8.73 13.12
CA SER C 439 -9.93 8.58 13.52
C SER C 439 -9.24 9.93 13.66
N PRO C 440 -8.10 9.97 14.38
CA PRO C 440 -7.33 11.20 14.60
C PRO C 440 -6.99 11.90 13.29
N TYR C 441 -7.36 13.18 13.19
CA TYR C 441 -7.14 14.00 12.00
C TYR C 441 -7.99 13.60 10.80
N GLY C 442 -8.87 12.62 11.00
CA GLY C 442 -9.73 12.16 9.91
C GLY C 442 -10.60 13.24 9.30
N GLU C 443 -11.13 14.11 10.15
CA GLU C 443 -11.98 15.21 9.69
C GLU C 443 -11.25 16.16 8.76
N GLN C 444 -10.00 16.48 9.07
CA GLN C 444 -9.24 17.38 8.20
C GLN C 444 -8.87 16.68 6.89
N CYS C 445 -8.58 15.39 6.97
CA CYS C 445 -8.23 14.61 5.78
C CYS C 445 -9.44 14.52 4.86
N ARG C 446 -10.56 14.02 5.38
CA ARG C 446 -11.77 13.88 4.58
C ARG C 446 -12.31 15.21 4.04
N ALA C 447 -12.13 16.30 4.79
CA ALA C 447 -12.62 17.62 4.35
C ALA C 447 -11.83 18.14 3.15
N ALA C 448 -10.58 17.72 3.03
CA ALA C 448 -9.75 18.18 1.90
C ALA C 448 -10.19 17.54 0.58
N PHE C 449 -11.02 16.50 0.63
CA PHE C 449 -11.52 15.89 -0.61
C PHE C 449 -12.97 16.32 -0.73
N GLY C 450 -13.29 17.13 -1.73
CA GLY C 450 -14.68 17.54 -1.85
C GLY C 450 -15.04 18.34 -3.08
N ALA C 451 -16.29 18.22 -3.50
CA ALA C 451 -16.76 18.94 -4.67
C ALA C 451 -16.65 20.45 -4.45
N GLU C 452 -16.68 20.89 -3.19
CA GLU C 452 -16.59 22.32 -2.87
C GLU C 452 -15.27 22.91 -3.37
N HIS C 453 -14.24 22.06 -3.50
CA HIS C 453 -12.92 22.49 -3.95
C HIS C 453 -12.81 22.61 -5.46
N HIS C 454 -13.89 22.31 -6.18
CA HIS C 454 -13.87 22.48 -7.63
C HIS C 454 -14.80 23.66 -7.93
N LEU C 455 -14.27 24.68 -8.62
CA LEU C 455 -15.04 25.87 -8.99
C LEU C 455 -15.61 25.67 -10.41
N ASP C 456 -16.92 25.88 -10.57
CA ASP C 456 -17.53 25.70 -11.87
C ASP C 456 -16.79 26.43 -13.01
N GLY C 457 -16.66 25.76 -14.15
CA GLY C 457 -15.95 26.34 -15.27
C GLY C 457 -16.56 27.58 -15.87
N ILE C 458 -17.85 27.79 -15.65
CA ILE C 458 -18.52 28.97 -16.18
C ILE C 458 -18.71 30.03 -15.09
N THR C 459 -19.35 29.64 -14.00
CA THR C 459 -19.67 30.56 -12.92
C THR C 459 -18.68 30.77 -11.77
N GLY C 460 -17.67 29.91 -11.66
CA GLY C 460 -16.74 30.05 -10.56
C GLY C 460 -17.32 29.62 -9.22
N LYS C 461 -18.57 29.16 -9.22
CA LYS C 461 -19.17 28.74 -7.95
C LYS C 461 -18.82 27.28 -7.62
N PRO C 462 -18.52 27.00 -6.35
CA PRO C 462 -18.17 25.62 -5.96
C PRO C 462 -19.29 24.64 -6.24
N TRP C 463 -18.91 23.40 -6.53
CA TRP C 463 -19.90 22.36 -6.75
C TRP C 463 -20.28 21.81 -5.37
N VAL C 464 -21.30 20.96 -5.32
CA VAL C 464 -21.74 20.37 -4.07
C VAL C 464 -21.61 18.86 -4.19
N GLN C 465 -21.55 18.18 -3.06
CA GLN C 465 -21.35 16.74 -3.05
C GLN C 465 -22.51 15.90 -2.61
N ALA C 466 -22.71 14.77 -3.30
CA ALA C 466 -23.76 13.84 -2.94
C ALA C 466 -23.02 12.55 -2.56
N GLY C 467 -23.15 12.16 -1.29
CA GLY C 467 -22.51 10.94 -0.81
C GLY C 467 -23.60 9.91 -0.60
N ILE C 468 -23.53 8.80 -1.32
CA ILE C 468 -24.55 7.76 -1.20
C ILE C 468 -23.95 6.40 -0.89
N ASP C 469 -24.52 5.73 0.10
CA ASP C 469 -24.01 4.41 0.48
C ASP C 469 -25.13 3.38 0.52
N ALA C 470 -24.77 2.12 0.29
CA ALA C 470 -25.74 1.03 0.34
C ALA C 470 -25.89 0.74 1.83
N SER C 471 -27.14 0.68 2.29
CA SER C 471 -27.41 0.44 3.70
C SER C 471 -27.23 -1.01 4.13
N GLY C 472 -26.39 -1.22 5.14
CA GLY C 472 -26.11 -2.55 5.66
C GLY C 472 -26.12 -3.64 4.60
N LEU C 473 -25.40 -3.40 3.50
CA LEU C 473 -25.36 -4.34 2.38
C LEU C 473 -24.94 -5.75 2.73
N GLU C 474 -23.93 -5.88 3.60
CA GLU C 474 -23.45 -7.19 3.99
C GLU C 474 -24.50 -8.04 4.68
N LEU C 475 -25.23 -7.48 5.65
CA LEU C 475 -26.27 -8.25 6.31
C LEU C 475 -27.43 -8.59 5.37
N ARG C 476 -27.75 -7.70 4.44
CA ARG C 476 -28.83 -7.97 3.49
C ARG C 476 -28.41 -9.06 2.53
N CYS C 477 -27.12 -9.13 2.19
CA CYS C 477 -26.66 -10.18 1.30
C CYS C 477 -26.80 -11.50 2.06
N LEU C 478 -26.40 -11.50 3.33
CA LEU C 478 -26.53 -12.70 4.14
C LEU C 478 -28.01 -13.09 4.23
N ALA C 479 -28.89 -12.12 4.47
CA ALA C 479 -30.32 -12.41 4.58
C ALA C 479 -30.82 -13.06 3.30
N HIS C 480 -30.36 -12.54 2.16
CA HIS C 480 -30.76 -13.08 0.86
C HIS C 480 -30.44 -14.56 0.75
N PHE C 481 -29.19 -14.90 1.03
CA PHE C 481 -28.74 -16.28 0.91
C PHE C 481 -29.32 -17.24 1.94
N MET C 482 -29.74 -16.74 3.09
CA MET C 482 -30.31 -17.65 4.06
C MET C 482 -31.83 -17.80 3.89
N ALA C 483 -32.43 -16.99 3.01
CA ALA C 483 -33.88 -17.05 2.77
C ALA C 483 -34.32 -18.43 2.29
N ARG C 484 -33.40 -19.16 1.67
CA ARG C 484 -33.72 -20.48 1.20
C ARG C 484 -33.95 -21.39 2.42
N PHE C 485 -33.34 -21.03 3.54
CA PHE C 485 -33.44 -21.82 4.77
C PHE C 485 -34.38 -21.29 5.85
N ASP C 486 -34.61 -19.97 5.87
CA ASP C 486 -35.49 -19.39 6.88
C ASP C 486 -36.71 -18.67 6.29
N ASN C 487 -36.89 -18.82 4.98
CA ASN C 487 -38.02 -18.23 4.27
C ASN C 487 -38.13 -16.71 4.36
N GLY C 488 -37.01 -16.04 4.58
CA GLY C 488 -37.03 -14.59 4.67
C GLY C 488 -37.12 -14.03 6.08
N GLU C 489 -37.12 -14.90 7.07
CA GLU C 489 -37.20 -14.44 8.46
C GLU C 489 -36.17 -13.35 8.74
N TYR C 490 -34.90 -13.65 8.53
CA TYR C 490 -33.83 -12.68 8.77
C TYR C 490 -34.03 -11.40 7.95
N ALA C 491 -34.35 -11.55 6.66
CA ALA C 491 -34.56 -10.38 5.81
C ALA C 491 -35.71 -9.53 6.38
N HIS C 492 -36.75 -10.21 6.87
CA HIS C 492 -37.89 -9.52 7.44
C HIS C 492 -37.48 -8.73 8.68
N GLU C 493 -36.61 -9.32 9.50
CA GLU C 493 -36.16 -8.66 10.73
C GLU C 493 -35.32 -7.42 10.45
N ILE C 494 -34.45 -7.48 9.44
CA ILE C 494 -33.60 -6.35 9.09
C ILE C 494 -34.40 -5.11 8.72
N LEU C 495 -35.33 -5.25 7.79
CA LEU C 495 -36.13 -4.12 7.34
C LEU C 495 -37.35 -3.73 8.17
N ASN C 496 -37.81 -4.62 9.06
CA ASN C 496 -38.98 -4.29 9.88
C ASN C 496 -38.72 -4.23 11.38
N GLY C 497 -37.95 -5.18 11.89
CA GLY C 497 -37.65 -5.19 13.31
C GLY C 497 -36.29 -4.60 13.59
N ASP C 498 -35.51 -5.27 14.42
CA ASP C 498 -34.17 -4.81 14.76
C ASP C 498 -33.24 -6.02 14.78
N ILE C 499 -32.56 -6.23 13.65
CA ILE C 499 -31.64 -7.34 13.48
C ILE C 499 -30.55 -7.38 14.54
N HIS C 500 -30.09 -6.23 14.98
CA HIS C 500 -29.03 -6.16 15.97
C HIS C 500 -29.42 -6.72 17.33
N THR C 501 -30.60 -6.34 17.83
CA THR C 501 -31.02 -6.87 19.11
C THR C 501 -31.40 -8.33 18.96
N LYS C 502 -31.76 -8.72 17.73
CA LYS C 502 -32.10 -10.11 17.46
C LYS C 502 -30.83 -10.95 17.57
N ASN C 503 -29.72 -10.41 17.06
CA ASN C 503 -28.45 -11.14 17.13
C ASN C 503 -27.90 -11.08 18.55
N GLN C 504 -28.22 -10.00 19.27
CA GLN C 504 -27.76 -9.84 20.64
C GLN C 504 -28.29 -11.00 21.48
N ILE C 505 -29.57 -11.30 21.27
CA ILE C 505 -30.20 -12.40 22.00
C ILE C 505 -29.65 -13.74 21.51
N ALA C 506 -29.49 -13.87 20.20
CA ALA C 506 -28.95 -15.09 19.60
C ALA C 506 -27.65 -15.40 20.32
N ALA C 507 -26.76 -14.42 20.36
CA ALA C 507 -25.50 -14.59 21.07
C ALA C 507 -25.95 -14.42 22.53
N GLU C 508 -25.20 -13.70 23.33
CA GLU C 508 -25.60 -13.48 24.72
C GLU C 508 -25.09 -12.11 25.14
N LEU C 509 -24.27 -11.53 24.28
CA LEU C 509 -23.67 -10.21 24.50
C LEU C 509 -24.59 -9.26 25.28
N PRO C 510 -24.02 -8.54 26.26
CA PRO C 510 -24.70 -7.58 27.12
C PRO C 510 -25.54 -6.50 26.45
N THR C 511 -24.96 -5.75 25.53
CA THR C 511 -25.71 -4.68 24.88
C THR C 511 -25.90 -4.85 23.37
N ARG C 512 -26.74 -3.99 22.81
CA ARG C 512 -27.03 -4.01 21.38
C ARG C 512 -25.76 -3.75 20.57
N ASP C 513 -25.01 -2.71 20.95
CA ASP C 513 -23.78 -2.37 20.24
C ASP C 513 -22.75 -3.50 20.27
N ASN C 514 -22.83 -4.36 21.28
CA ASN C 514 -21.92 -5.50 21.34
C ASN C 514 -22.23 -6.41 20.16
N ALA C 515 -23.50 -6.52 19.83
CA ALA C 515 -23.95 -7.36 18.72
C ALA C 515 -23.50 -6.79 17.37
N LYS C 516 -23.50 -5.47 17.24
CA LYS C 516 -23.07 -4.83 16.00
C LYS C 516 -21.59 -5.07 15.75
N THR C 517 -20.82 -5.07 16.83
CA THR C 517 -19.39 -5.30 16.75
C THR C 517 -19.17 -6.77 16.47
N PHE C 518 -19.94 -7.60 17.15
CA PHE C 518 -19.87 -9.03 16.99
C PHE C 518 -20.14 -9.43 15.54
N ILE C 519 -21.27 -8.96 15.01
CA ILE C 519 -21.66 -9.31 13.66
C ILE C 519 -20.62 -8.88 12.61
N TYR C 520 -20.20 -7.62 12.68
CA TYR C 520 -19.21 -7.11 11.74
C TYR C 520 -17.94 -7.91 11.92
N GLY C 521 -17.74 -8.45 13.11
CA GLY C 521 -16.57 -9.24 13.40
C GLY C 521 -16.42 -10.44 12.47
N PHE C 522 -17.50 -11.19 12.29
CA PHE C 522 -17.47 -12.36 11.39
C PHE C 522 -17.11 -11.96 9.97
N LEU C 523 -17.42 -10.73 9.61
CA LEU C 523 -17.16 -10.21 8.27
C LEU C 523 -15.74 -9.70 8.03
N TYR C 524 -15.20 -8.94 8.98
CA TYR C 524 -13.87 -8.37 8.79
C TYR C 524 -12.73 -8.94 9.61
N GLY C 525 -12.59 -10.27 9.54
CA GLY C 525 -11.51 -10.98 10.21
C GLY C 525 -11.36 -10.93 11.73
N ALA C 526 -12.47 -10.87 12.45
CA ALA C 526 -12.39 -10.83 13.91
C ALA C 526 -12.29 -12.24 14.49
N GLY C 527 -11.16 -12.55 15.09
CA GLY C 527 -10.96 -13.86 15.67
C GLY C 527 -11.60 -14.00 17.05
N ASP C 528 -11.64 -15.22 17.57
CA ASP C 528 -12.23 -15.53 18.86
C ASP C 528 -11.77 -14.60 19.98
N GLU C 529 -10.46 -14.40 20.09
CA GLU C 529 -9.92 -13.53 21.12
C GLU C 529 -10.49 -12.13 20.93
N LYS C 530 -10.61 -11.71 19.67
CA LYS C 530 -11.14 -10.40 19.33
C LYS C 530 -12.64 -10.34 19.67
N ILE C 531 -13.30 -11.50 19.61
CA ILE C 531 -14.72 -11.58 19.90
C ILE C 531 -14.95 -11.47 21.41
N GLY C 532 -14.42 -12.44 22.16
CA GLY C 532 -14.57 -12.42 23.60
C GLY C 532 -14.14 -11.08 24.15
N GLN C 533 -13.18 -10.46 23.46
CA GLN C 533 -12.65 -9.17 23.87
C GLN C 533 -13.65 -8.03 23.69
N ILE C 534 -14.89 -8.37 23.33
CA ILE C 534 -15.90 -7.34 23.14
C ILE C 534 -16.69 -7.20 24.45
N VAL C 535 -16.75 -8.28 25.21
CA VAL C 535 -17.45 -8.29 26.49
C VAL C 535 -16.43 -8.25 27.63
N GLY C 536 -15.16 -8.12 27.27
CA GLY C 536 -14.11 -8.06 28.27
C GLY C 536 -13.54 -9.41 28.63
N ALA C 537 -13.14 -10.19 27.63
CA ALA C 537 -12.57 -11.51 27.89
C ALA C 537 -11.60 -11.92 26.78
N GLY C 538 -11.47 -13.22 26.58
CA GLY C 538 -10.56 -13.72 25.56
C GLY C 538 -11.17 -14.81 24.69
N LYS C 539 -10.30 -15.66 24.16
CA LYS C 539 -10.70 -16.77 23.29
C LYS C 539 -11.96 -17.51 23.72
N GLU C 540 -11.90 -18.19 24.86
CA GLU C 540 -13.02 -18.98 25.37
C GLU C 540 -14.37 -18.25 25.37
N ARG C 541 -14.40 -17.05 25.94
CA ARG C 541 -15.64 -16.29 25.99
C ARG C 541 -15.97 -15.76 24.60
N GLY C 542 -15.07 -16.01 23.66
CA GLY C 542 -15.26 -15.57 22.29
C GLY C 542 -15.57 -16.77 21.42
N LYS C 543 -15.06 -17.94 21.79
CA LYS C 543 -15.30 -19.16 21.05
C LYS C 543 -16.67 -19.70 21.43
N GLU C 544 -17.16 -19.31 22.60
CA GLU C 544 -18.47 -19.74 23.07
C GLU C 544 -19.56 -18.84 22.52
N LEU C 545 -19.24 -17.55 22.38
CA LEU C 545 -20.17 -16.57 21.86
C LEU C 545 -20.53 -16.91 20.41
N LYS C 546 -19.53 -17.33 19.64
CA LYS C 546 -19.74 -17.69 18.24
C LYS C 546 -20.63 -18.92 18.11
N LYS C 547 -20.27 -19.98 18.85
CA LYS C 547 -21.04 -21.22 18.81
C LYS C 547 -22.48 -20.97 19.23
N LYS C 548 -22.66 -20.25 20.34
CA LYS C 548 -23.99 -19.95 20.85
C LYS C 548 -24.82 -19.21 19.80
N PHE C 549 -24.21 -18.22 19.16
CA PHE C 549 -24.90 -17.44 18.14
C PHE C 549 -25.41 -18.35 17.00
N LEU C 550 -24.52 -19.20 16.50
CA LEU C 550 -24.84 -20.12 15.41
C LEU C 550 -25.88 -21.18 15.76
N GLU C 551 -25.92 -21.59 17.02
CA GLU C 551 -26.90 -22.58 17.45
C GLU C 551 -28.27 -21.90 17.50
N ASN C 552 -28.27 -20.60 17.78
CA ASN C 552 -29.51 -19.83 17.86
C ASN C 552 -29.86 -19.16 16.54
N THR C 553 -29.17 -19.56 15.47
CA THR C 553 -29.42 -19.02 14.14
C THR C 553 -29.11 -20.16 13.17
N PRO C 554 -29.92 -21.23 13.23
CA PRO C 554 -29.72 -22.40 12.37
C PRO C 554 -29.59 -22.12 10.87
N ALA C 555 -30.27 -21.09 10.38
CA ALA C 555 -30.21 -20.78 8.95
C ALA C 555 -28.79 -20.47 8.47
N ILE C 556 -27.99 -19.84 9.31
CA ILE C 556 -26.62 -19.53 8.92
C ILE C 556 -25.78 -20.79 8.83
N ALA C 557 -26.05 -21.75 9.72
CA ALA C 557 -25.33 -23.01 9.74
C ALA C 557 -25.70 -23.81 8.50
N ALA C 558 -26.98 -23.77 8.15
CA ALA C 558 -27.46 -24.47 6.97
C ALA C 558 -26.79 -23.87 5.73
N LEU C 559 -26.73 -22.55 5.66
CA LEU C 559 -26.10 -21.89 4.51
C LEU C 559 -24.66 -22.35 4.35
N ARG C 560 -23.92 -22.32 5.45
CA ARG C 560 -22.52 -22.71 5.45
C ARG C 560 -22.31 -24.15 4.95
N GLU C 561 -23.13 -25.09 5.41
CA GLU C 561 -22.96 -26.46 4.96
C GLU C 561 -23.35 -26.63 3.50
N SER C 562 -24.34 -25.86 3.03
CA SER C 562 -24.76 -25.95 1.65
C SER C 562 -23.66 -25.40 0.74
N ILE C 563 -23.02 -24.32 1.16
CA ILE C 563 -21.94 -23.73 0.38
C ILE C 563 -20.79 -24.71 0.20
N GLN C 564 -20.39 -25.34 1.30
CA GLN C 564 -19.28 -26.28 1.24
C GLN C 564 -19.57 -27.60 0.55
N GLN C 565 -20.84 -28.02 0.54
CA GLN C 565 -21.20 -29.26 -0.14
C GLN C 565 -21.07 -29.08 -1.64
N THR C 566 -21.09 -27.83 -2.10
CA THR C 566 -20.95 -27.56 -3.52
C THR C 566 -19.47 -27.41 -3.88
N LEU C 567 -18.63 -27.27 -2.86
CA LEU C 567 -17.19 -27.10 -3.07
C LEU C 567 -16.29 -28.27 -2.73
N VAL C 568 -16.53 -28.86 -1.55
CA VAL C 568 -15.70 -29.95 -1.05
C VAL C 568 -16.21 -31.38 -1.25
N GLU C 569 -15.27 -32.33 -1.25
CA GLU C 569 -15.55 -33.75 -1.42
C GLU C 569 -16.68 -34.05 -2.41
N VAL C 580 -8.51 -32.39 1.65
CA VAL C 580 -9.18 -31.25 1.03
C VAL C 580 -9.33 -31.41 -0.48
N LYS C 581 -10.17 -32.34 -0.88
CA LYS C 581 -10.43 -32.58 -2.30
C LYS C 581 -11.63 -31.73 -2.69
N TRP C 582 -11.51 -31.00 -3.80
CA TRP C 582 -12.60 -30.14 -4.23
C TRP C 582 -13.49 -30.73 -5.32
N LYS C 583 -14.76 -30.37 -5.26
CA LYS C 583 -15.77 -30.79 -6.22
C LYS C 583 -15.75 -29.66 -7.26
N ARG C 584 -15.36 -28.46 -6.80
CA ARG C 584 -15.28 -27.27 -7.62
C ARG C 584 -14.57 -26.21 -6.76
N ARG C 585 -13.67 -25.43 -7.36
CA ARG C 585 -12.93 -24.43 -6.61
C ARG C 585 -13.47 -23.02 -6.75
N TRP C 586 -14.72 -22.91 -7.20
CA TRP C 586 -15.32 -21.60 -7.37
C TRP C 586 -16.80 -21.59 -7.05
N ILE C 587 -17.32 -20.41 -6.80
CA ILE C 587 -18.71 -20.19 -6.52
C ILE C 587 -19.25 -19.33 -7.65
N LYS C 588 -20.50 -19.55 -8.02
CA LYS C 588 -21.11 -18.79 -9.09
C LYS C 588 -21.60 -17.46 -8.56
N GLY C 589 -21.10 -16.35 -9.12
CA GLY C 589 -21.54 -15.04 -8.66
C GLY C 589 -22.92 -14.67 -9.18
N LEU C 590 -23.44 -13.56 -8.70
CA LEU C 590 -24.77 -13.09 -9.09
C LEU C 590 -24.97 -12.89 -10.59
N ASP C 591 -23.90 -12.55 -11.30
CA ASP C 591 -23.99 -12.36 -12.73
C ASP C 591 -23.49 -13.59 -13.49
N GLY C 592 -23.30 -14.70 -12.78
CA GLY C 592 -22.87 -15.92 -13.42
C GLY C 592 -21.38 -16.22 -13.49
N ARG C 593 -20.55 -15.24 -13.15
CA ARG C 593 -19.11 -15.46 -13.22
C ARG C 593 -18.61 -16.47 -12.18
N LYS C 594 -17.42 -17.01 -12.42
CA LYS C 594 -16.80 -17.91 -11.46
C LYS C 594 -16.08 -17.02 -10.46
N VAL C 595 -16.24 -17.28 -9.18
CA VAL C 595 -15.52 -16.50 -8.19
C VAL C 595 -14.67 -17.54 -7.47
N HIS C 596 -13.36 -17.43 -7.64
CA HIS C 596 -12.41 -18.36 -7.05
C HIS C 596 -12.48 -18.35 -5.51
N VAL C 597 -12.54 -19.54 -4.91
CA VAL C 597 -12.56 -19.65 -3.47
C VAL C 597 -11.19 -20.14 -3.00
N ARG C 598 -10.54 -19.36 -2.14
CA ARG C 598 -9.23 -19.73 -1.63
C ARG C 598 -9.26 -20.83 -0.57
N SER C 599 -10.12 -20.68 0.43
CA SER C 599 -10.24 -21.68 1.50
C SER C 599 -11.71 -22.00 1.76
N PRO C 600 -12.02 -23.28 2.01
CA PRO C 600 -13.41 -23.68 2.28
C PRO C 600 -13.96 -22.85 3.44
N HIS C 601 -13.05 -22.47 4.34
CA HIS C 601 -13.39 -21.67 5.50
C HIS C 601 -13.77 -20.23 5.12
N ALA C 602 -13.19 -19.73 4.04
CA ALA C 602 -13.48 -18.37 3.59
C ALA C 602 -14.62 -18.34 2.57
N ALA C 603 -15.14 -19.50 2.23
CA ALA C 603 -16.24 -19.62 1.25
C ALA C 603 -17.44 -18.70 1.49
N LEU C 604 -17.98 -18.71 2.70
CA LEU C 604 -19.15 -17.88 2.98
C LEU C 604 -18.85 -16.39 2.81
N ASN C 605 -17.70 -15.93 3.31
CA ASN C 605 -17.38 -14.51 3.17
C ASN C 605 -17.09 -14.18 1.70
N THR C 606 -16.50 -15.12 0.98
CA THR C 606 -16.23 -14.91 -0.43
C THR C 606 -17.59 -14.70 -1.09
N LEU C 607 -18.54 -15.58 -0.77
CA LEU C 607 -19.89 -15.49 -1.32
C LEU C 607 -20.57 -14.16 -0.98
N LEU C 608 -20.45 -13.74 0.26
CA LEU C 608 -21.06 -12.48 0.69
C LEU C 608 -20.39 -11.24 0.10
N GLN C 609 -19.07 -11.17 0.19
CA GLN C 609 -18.34 -10.03 -0.36
C GLN C 609 -18.57 -9.92 -1.87
N SER C 610 -18.66 -11.06 -2.54
CA SER C 610 -18.85 -11.04 -4.00
C SER C 610 -20.23 -10.51 -4.37
N ALA C 611 -21.25 -10.94 -3.63
CA ALA C 611 -22.61 -10.48 -3.89
C ALA C 611 -22.67 -8.96 -3.72
N GLY C 612 -22.11 -8.46 -2.63
CA GLY C 612 -22.10 -7.03 -2.37
C GLY C 612 -21.34 -6.24 -3.43
N ALA C 613 -20.22 -6.79 -3.88
CA ALA C 613 -19.43 -6.12 -4.90
C ALA C 613 -20.18 -6.04 -6.24
N LEU C 614 -20.83 -7.12 -6.65
CA LEU C 614 -21.56 -7.11 -7.92
C LEU C 614 -22.79 -6.23 -7.83
N ILE C 615 -23.42 -6.21 -6.67
CA ILE C 615 -24.61 -5.38 -6.48
C ILE C 615 -24.19 -3.90 -6.60
N CYS C 616 -23.11 -3.54 -5.91
CA CYS C 616 -22.65 -2.16 -5.96
C CYS C 616 -22.14 -1.74 -7.32
N LYS C 617 -21.56 -2.68 -8.06
CA LYS C 617 -21.05 -2.40 -9.37
C LYS C 617 -22.23 -2.11 -10.34
N LEU C 618 -23.21 -3.01 -10.37
CA LEU C 618 -24.38 -2.79 -11.24
C LEU C 618 -25.11 -1.52 -10.80
N TRP C 619 -25.16 -1.29 -9.50
CA TRP C 619 -25.83 -0.10 -8.97
C TRP C 619 -25.24 1.23 -9.49
N ILE C 620 -23.92 1.38 -9.48
CA ILE C 620 -23.34 2.64 -9.93
C ILE C 620 -23.47 2.76 -11.44
N ILE C 621 -23.46 1.63 -12.14
CA ILE C 621 -23.64 1.63 -13.58
C ILE C 621 -25.06 2.11 -13.90
N LYS C 622 -26.06 1.49 -13.27
CA LYS C 622 -27.45 1.85 -13.50
C LYS C 622 -27.77 3.28 -13.05
N THR C 623 -27.15 3.72 -11.96
CA THR C 623 -27.37 5.08 -11.48
C THR C 623 -26.94 6.11 -12.54
N GLU C 624 -25.74 5.93 -13.09
CA GLU C 624 -25.24 6.84 -14.11
C GLU C 624 -26.10 6.80 -15.38
N GLU C 625 -26.56 5.61 -15.75
CA GLU C 625 -27.41 5.47 -16.95
C GLU C 625 -28.76 6.20 -16.79
N MET C 626 -29.34 6.13 -15.59
CA MET C 626 -30.61 6.78 -15.32
C MET C 626 -30.43 8.30 -15.27
N LEU C 627 -29.30 8.77 -14.75
CA LEU C 627 -29.05 10.20 -14.70
C LEU C 627 -28.91 10.74 -16.12
N VAL C 628 -28.22 9.97 -16.96
CA VAL C 628 -28.02 10.37 -18.33
C VAL C 628 -29.34 10.29 -19.08
N GLU C 629 -30.18 9.33 -18.70
CA GLU C 629 -31.49 9.18 -19.32
C GLU C 629 -32.37 10.36 -18.95
N LYS C 630 -32.12 10.94 -17.78
CA LYS C 630 -32.89 12.08 -17.33
C LYS C 630 -32.41 13.37 -18.01
N GLY C 631 -31.38 13.25 -18.84
CA GLY C 631 -30.86 14.42 -19.54
C GLY C 631 -29.64 15.09 -18.91
N LEU C 632 -29.17 14.55 -17.79
CA LEU C 632 -27.99 15.13 -17.10
C LEU C 632 -26.70 14.72 -17.79
N LYS C 633 -25.75 15.63 -17.85
CA LYS C 633 -24.47 15.34 -18.50
C LYS C 633 -23.35 15.01 -17.51
N HIS C 634 -22.65 13.91 -17.77
CA HIS C 634 -21.54 13.48 -16.90
C HIS C 634 -20.24 14.20 -17.25
N GLY C 635 -19.72 14.98 -16.31
CA GLY C 635 -18.47 15.71 -16.54
C GLY C 635 -18.49 17.07 -15.86
N TRP C 636 -17.31 17.68 -15.70
CA TRP C 636 -17.20 19.00 -15.06
C TRP C 636 -17.81 20.08 -15.95
N ASP C 637 -17.90 19.80 -17.24
CA ASP C 637 -18.48 20.74 -18.18
C ASP C 637 -19.97 20.40 -18.29
N GLY C 638 -20.45 19.58 -17.35
CA GLY C 638 -21.85 19.19 -17.37
C GLY C 638 -22.62 19.43 -16.09
N ASP C 639 -23.31 18.39 -15.61
CA ASP C 639 -24.12 18.49 -14.39
C ASP C 639 -23.60 17.73 -13.17
N PHE C 640 -22.97 16.58 -13.40
CA PHE C 640 -22.46 15.79 -12.28
C PHE C 640 -21.19 15.07 -12.67
N ALA C 641 -20.42 14.61 -11.68
CA ALA C 641 -19.19 13.89 -11.95
C ALA C 641 -18.90 12.88 -10.86
N TYR C 642 -18.77 11.61 -11.23
CA TYR C 642 -18.42 10.57 -10.27
C TYR C 642 -17.00 10.90 -9.79
N MET C 643 -16.76 10.94 -8.48
CA MET C 643 -15.43 11.28 -7.99
C MET C 643 -14.72 10.09 -7.35
N ALA C 644 -15.47 9.25 -6.68
CA ALA C 644 -14.89 8.08 -6.04
C ALA C 644 -15.93 7.02 -5.78
N TRP C 645 -15.49 5.77 -5.86
CA TRP C 645 -16.36 4.65 -5.59
C TRP C 645 -15.58 3.79 -4.60
N VAL C 646 -16.05 3.75 -3.37
CA VAL C 646 -15.36 2.99 -2.35
C VAL C 646 -16.22 1.85 -1.82
N HIS C 647 -16.22 0.76 -2.58
CA HIS C 647 -16.96 -0.46 -2.28
C HIS C 647 -18.48 -0.32 -2.24
N ASP C 648 -19.02 0.13 -1.10
CA ASP C 648 -20.47 0.27 -0.96
C ASP C 648 -20.93 1.74 -0.98
N GLU C 649 -20.04 2.63 -1.36
CA GLU C 649 -20.34 4.06 -1.36
C GLU C 649 -19.76 4.79 -2.57
N ILE C 650 -20.47 5.82 -3.04
CA ILE C 650 -19.99 6.64 -4.14
C ILE C 650 -20.12 8.10 -3.74
N GLN C 651 -19.13 8.89 -4.15
CA GLN C 651 -19.15 10.32 -3.90
C GLN C 651 -19.30 10.95 -5.27
N VAL C 652 -20.32 11.78 -5.44
CA VAL C 652 -20.60 12.40 -6.72
C VAL C 652 -20.64 13.90 -6.61
N GLY C 653 -19.90 14.58 -7.50
CA GLY C 653 -19.89 16.03 -7.49
C GLY C 653 -21.07 16.49 -8.33
N CYS C 654 -21.80 17.49 -7.86
CA CYS C 654 -22.97 18.03 -8.56
C CYS C 654 -22.88 19.55 -8.74
N ARG C 655 -23.25 20.02 -9.92
CA ARG C 655 -23.18 21.44 -10.23
C ARG C 655 -24.06 22.28 -9.29
N THR C 656 -25.22 21.75 -8.92
CA THR C 656 -26.13 22.48 -8.03
C THR C 656 -26.72 21.56 -6.97
N GLU C 657 -27.31 22.14 -5.94
CA GLU C 657 -27.95 21.35 -4.89
C GLU C 657 -29.13 20.57 -5.45
N GLU C 658 -29.82 21.15 -6.43
CA GLU C 658 -30.96 20.49 -7.03
C GLU C 658 -30.53 19.20 -7.74
N ILE C 659 -29.40 19.26 -8.45
CA ILE C 659 -28.88 18.08 -9.11
C ILE C 659 -28.45 17.06 -8.06
N ALA C 660 -27.80 17.54 -6.99
CA ALA C 660 -27.37 16.65 -5.91
C ALA C 660 -28.60 15.86 -5.39
N GLN C 661 -29.74 16.53 -5.32
CA GLN C 661 -30.97 15.89 -4.85
C GLN C 661 -31.45 14.80 -5.80
N VAL C 662 -31.33 15.09 -7.10
CA VAL C 662 -31.74 14.15 -8.12
C VAL C 662 -30.84 12.91 -8.11
N VAL C 663 -29.55 13.13 -7.95
CA VAL C 663 -28.58 12.05 -7.91
C VAL C 663 -28.91 11.10 -6.76
N ILE C 664 -29.17 11.68 -5.59
CA ILE C 664 -29.50 10.93 -4.38
C ILE C 664 -30.78 10.09 -4.56
N GLU C 665 -31.80 10.69 -5.19
CA GLU C 665 -33.07 10.00 -5.43
C GLU C 665 -32.92 8.94 -6.51
N THR C 666 -32.15 9.26 -7.54
CA THR C 666 -31.92 8.33 -8.63
C THR C 666 -31.13 7.11 -8.15
N ALA C 667 -30.14 7.33 -7.27
CA ALA C 667 -29.35 6.22 -6.75
C ALA C 667 -30.23 5.22 -6.01
N GLN C 668 -31.24 5.71 -5.28
CA GLN C 668 -32.16 4.82 -4.54
C GLN C 668 -32.99 4.01 -5.54
N GLU C 669 -33.48 4.69 -6.58
CA GLU C 669 -34.26 4.04 -7.63
C GLU C 669 -33.40 2.94 -8.29
N ALA C 670 -32.15 3.27 -8.58
CA ALA C 670 -31.24 2.32 -9.22
C ALA C 670 -30.96 1.10 -8.34
N MET C 671 -30.84 1.31 -7.02
CA MET C 671 -30.59 0.20 -6.11
C MET C 671 -31.77 -0.77 -6.09
N ARG C 672 -32.98 -0.21 -6.11
CA ARG C 672 -34.21 -1.03 -6.12
C ARG C 672 -34.32 -1.80 -7.43
N TRP C 673 -33.87 -1.17 -8.51
CA TRP C 673 -33.88 -1.83 -9.82
C TRP C 673 -32.91 -3.01 -9.77
N VAL C 674 -31.76 -2.83 -9.12
CA VAL C 674 -30.78 -3.91 -9.04
C VAL C 674 -31.35 -5.07 -8.23
N GLY C 675 -31.95 -4.76 -7.09
CA GLY C 675 -32.53 -5.81 -6.25
C GLY C 675 -33.57 -6.63 -7.01
N ASP C 676 -34.41 -5.94 -7.78
CA ASP C 676 -35.42 -6.62 -8.58
C ASP C 676 -34.81 -7.38 -9.74
N HIS C 677 -33.76 -6.82 -10.33
CA HIS C 677 -33.09 -7.44 -11.46
C HIS C 677 -32.53 -8.82 -11.12
N TRP C 678 -31.97 -8.94 -9.93
CA TRP C 678 -31.42 -10.23 -9.53
C TRP C 678 -32.30 -10.97 -8.55
N ASN C 679 -33.59 -10.63 -8.52
CA ASN C 679 -34.54 -11.30 -7.64
C ASN C 679 -34.01 -11.44 -6.22
N PHE C 680 -33.43 -10.38 -5.68
CA PHE C 680 -32.90 -10.44 -4.32
C PHE C 680 -34.04 -10.65 -3.34
N ARG C 681 -33.80 -11.53 -2.37
CA ARG C 681 -34.78 -11.87 -1.36
C ARG C 681 -34.84 -10.89 -0.21
N CYS C 682 -33.90 -9.96 -0.16
CA CYS C 682 -33.91 -8.94 0.86
C CYS C 682 -34.03 -7.62 0.11
N LEU C 683 -34.83 -6.72 0.65
CA LEU C 683 -35.03 -5.41 0.04
C LEU C 683 -33.73 -4.60 0.18
N LEU C 684 -33.29 -4.00 -0.91
CA LEU C 684 -32.06 -3.21 -0.89
C LEU C 684 -32.33 -1.71 -0.80
N ASP C 685 -31.54 -1.00 0.00
CA ASP C 685 -31.70 0.44 0.17
C ASP C 685 -30.39 1.21 0.20
N THR C 686 -30.50 2.52 0.09
CA THR C 686 -29.37 3.43 0.12
C THR C 686 -29.77 4.63 0.98
N GLU C 687 -28.77 5.41 1.36
CA GLU C 687 -29.00 6.61 2.15
C GLU C 687 -28.03 7.61 1.56
N GLY C 688 -28.52 8.82 1.28
CA GLY C 688 -27.66 9.83 0.71
C GLY C 688 -27.57 11.07 1.56
N LYS C 689 -26.44 11.78 1.45
CA LYS C 689 -26.21 13.02 2.18
C LYS C 689 -25.60 14.01 1.21
N MET C 690 -26.03 15.26 1.34
CA MET C 690 -25.52 16.32 0.49
C MET C 690 -24.64 17.22 1.34
N GLY C 691 -23.52 17.66 0.77
CA GLY C 691 -22.63 18.52 1.53
C GLY C 691 -21.52 19.06 0.66
N PRO C 692 -20.53 19.74 1.23
CA PRO C 692 -19.43 20.30 0.44
C PRO C 692 -18.24 19.34 0.26
N ASN C 693 -18.09 18.39 1.17
CA ASN C 693 -16.95 17.49 1.07
C ASN C 693 -17.20 16.13 1.68
N TRP C 694 -16.16 15.28 1.60
CA TRP C 694 -16.26 13.92 2.12
C TRP C 694 -16.41 13.85 3.64
N ALA C 695 -15.94 14.87 4.34
CA ALA C 695 -16.08 14.86 5.81
C ALA C 695 -17.57 14.95 6.15
N ILE C 696 -18.27 15.87 5.51
CA ILE C 696 -19.70 16.05 5.77
C ILE C 696 -20.58 15.01 5.10
N CYS C 697 -20.13 14.42 3.99
CA CYS C 697 -20.94 13.41 3.31
C CYS C 697 -20.60 11.98 3.71
N HIS C 698 -20.33 11.76 4.99
CA HIS C 698 -19.98 10.42 5.46
C HIS C 698 -21.22 9.63 5.89
N LYS D 3 42.82 0.20 41.53
CA LYS D 3 43.58 1.36 41.00
C LYS D 3 42.85 2.06 39.86
N ILE D 4 41.99 1.31 39.18
CA ILE D 4 41.25 1.88 38.05
C ILE D 4 40.02 2.69 38.49
N ILE D 5 39.91 3.89 37.95
CA ILE D 5 38.78 4.76 38.24
C ILE D 5 37.64 4.45 37.29
N HIS D 6 36.46 4.20 37.86
CA HIS D 6 35.28 3.90 37.07
C HIS D 6 34.46 5.17 36.94
N LEU D 7 34.52 5.79 35.75
CA LEU D 7 33.82 7.03 35.49
C LEU D 7 32.35 6.87 35.17
N THR D 8 31.64 8.01 35.19
CA THR D 8 30.23 8.11 34.81
C THR D 8 30.15 9.36 33.95
N ASP D 9 29.08 9.52 33.19
CA ASP D 9 28.91 10.71 32.38
C ASP D 9 28.98 11.97 33.24
N ASP D 10 28.32 11.92 34.40
CA ASP D 10 28.27 13.07 35.30
C ASP D 10 29.57 13.36 36.05
N SER D 11 30.45 12.37 36.17
CA SER D 11 31.71 12.60 36.89
C SER D 11 32.89 12.84 35.94
N PHE D 12 32.66 12.61 34.64
CA PHE D 12 33.71 12.75 33.64
C PHE D 12 34.42 14.11 33.61
N ASP D 13 33.65 15.17 33.52
CA ASP D 13 34.23 16.51 33.49
C ASP D 13 35.22 16.75 34.65
N THR D 14 34.82 16.40 35.87
CA THR D 14 35.69 16.60 37.03
C THR D 14 36.83 15.58 37.14
N ASP D 15 36.52 14.31 36.97
CA ASP D 15 37.54 13.27 37.07
C ASP D 15 38.57 13.27 35.95
N VAL D 16 38.18 13.70 34.75
CA VAL D 16 39.11 13.69 33.64
C VAL D 16 39.57 15.07 33.18
N LEU D 17 38.63 15.88 32.74
CA LEU D 17 38.95 17.21 32.23
C LEU D 17 39.58 18.23 33.18
N LYS D 18 39.34 18.09 34.47
CA LYS D 18 39.90 19.04 35.42
C LYS D 18 40.90 18.38 36.35
N ALA D 19 41.35 17.18 36.00
CA ALA D 19 42.29 16.47 36.84
C ALA D 19 43.72 16.94 36.60
N ASP D 20 44.60 16.60 37.54
CA ASP D 20 46.01 16.95 37.44
C ASP D 20 46.75 15.70 36.96
N GLY D 21 47.73 15.89 36.09
CA GLY D 21 48.48 14.75 35.59
C GLY D 21 47.75 14.01 34.49
N ALA D 22 48.45 13.06 33.87
CA ALA D 22 47.90 12.27 32.78
C ALA D 22 46.85 11.26 33.23
N ILE D 23 45.82 11.10 32.40
CA ILE D 23 44.73 10.18 32.65
C ILE D 23 44.43 9.39 31.36
N LEU D 24 44.51 8.07 31.44
CA LEU D 24 44.22 7.24 30.29
C LEU D 24 42.78 6.75 30.40
N VAL D 25 41.94 7.12 29.46
CA VAL D 25 40.54 6.71 29.49
C VAL D 25 40.23 5.64 28.45
N ASP D 26 39.65 4.54 28.91
CA ASP D 26 39.26 3.44 28.06
C ASP D 26 37.73 3.38 27.89
N PHE D 27 37.24 3.65 26.68
CA PHE D 27 35.81 3.58 26.39
C PHE D 27 35.57 2.14 25.96
N TRP D 28 34.74 1.44 26.72
CA TRP D 28 34.49 0.03 26.43
C TRP D 28 33.04 -0.38 26.57
N ALA D 29 32.74 -1.60 26.13
CA ALA D 29 31.40 -2.17 26.24
C ALA D 29 31.59 -3.65 26.54
N GLU D 30 30.64 -4.25 27.24
CA GLU D 30 30.76 -5.66 27.59
C GLU D 30 30.57 -6.63 26.42
N TRP D 31 29.94 -6.19 25.35
CA TRP D 31 29.71 -7.07 24.21
C TRP D 31 30.86 -7.09 23.20
N CYS D 32 31.90 -6.32 23.47
CA CYS D 32 33.03 -6.25 22.56
C CYS D 32 34.13 -7.24 22.94
N GLY D 33 34.47 -8.11 22.00
CA GLY D 33 35.51 -9.09 22.26
C GLY D 33 36.85 -8.43 22.58
N PRO D 34 37.30 -7.49 21.75
CA PRO D 34 38.57 -6.79 21.99
C PRO D 34 38.67 -6.06 23.33
N CYS D 35 37.57 -5.45 23.78
CA CYS D 35 37.58 -4.75 25.07
C CYS D 35 37.92 -5.76 26.17
N LYS D 36 37.31 -6.93 26.08
CA LYS D 36 37.52 -7.99 27.05
C LYS D 36 38.98 -8.43 27.04
N MET D 37 39.63 -8.36 25.88
CA MET D 37 41.02 -8.74 25.75
C MET D 37 41.96 -7.76 26.46
N ILE D 38 41.74 -6.47 26.26
CA ILE D 38 42.60 -5.48 26.85
C ILE D 38 42.33 -5.17 28.34
N ALA D 39 41.13 -5.44 28.80
CA ALA D 39 40.79 -5.17 30.21
C ALA D 39 41.87 -5.68 31.17
N PRO D 40 42.25 -6.97 31.05
CA PRO D 40 43.28 -7.56 31.93
C PRO D 40 44.58 -6.75 31.87
N ILE D 41 44.90 -6.26 30.66
CA ILE D 41 46.10 -5.47 30.44
C ILE D 41 46.06 -4.14 31.21
N LEU D 42 44.93 -3.44 31.14
CA LEU D 42 44.80 -2.15 31.81
C LEU D 42 44.94 -2.28 33.33
N ASP D 43 44.49 -3.39 33.88
CA ASP D 43 44.59 -3.62 35.31
C ASP D 43 46.06 -3.61 35.76
N GLU D 44 46.91 -4.28 34.99
CA GLU D 44 48.34 -4.34 35.31
C GLU D 44 49.02 -3.00 35.06
N ILE D 45 48.53 -2.25 34.08
CA ILE D 45 49.09 -0.94 33.78
C ILE D 45 48.80 0.07 34.87
N ALA D 46 47.59 0.04 35.42
CA ALA D 46 47.20 0.96 36.48
C ALA D 46 48.13 0.77 37.68
N ASP D 47 48.34 -0.48 38.07
CA ASP D 47 49.20 -0.81 39.20
C ASP D 47 50.66 -0.46 38.96
N GLU D 48 51.14 -0.68 37.74
CA GLU D 48 52.53 -0.40 37.39
C GLU D 48 52.86 1.08 37.21
N TYR D 49 51.91 1.86 36.70
CA TYR D 49 52.13 3.28 36.46
C TYR D 49 51.53 4.21 37.52
N GLN D 50 51.04 3.67 38.63
CA GLN D 50 50.46 4.52 39.65
C GLN D 50 51.42 5.64 40.03
N GLY D 51 50.86 6.77 40.43
CA GLY D 51 51.70 7.91 40.78
C GLY D 51 52.26 8.59 39.54
N LYS D 52 52.20 7.87 38.42
CA LYS D 52 52.71 8.37 37.14
C LYS D 52 51.54 8.60 36.18
N LEU D 53 50.55 7.72 36.25
CA LEU D 53 49.38 7.80 35.39
C LEU D 53 48.13 7.30 36.10
N THR D 54 46.97 7.80 35.70
CA THR D 54 45.70 7.34 36.26
C THR D 54 44.89 6.68 35.16
N VAL D 55 44.55 5.41 35.35
CA VAL D 55 43.75 4.70 34.36
C VAL D 55 42.29 4.73 34.78
N ALA D 56 41.43 5.15 33.85
CA ALA D 56 40.00 5.24 34.10
C ALA D 56 39.23 4.55 32.97
N LYS D 57 38.05 4.06 33.30
CA LYS D 57 37.22 3.39 32.31
C LYS D 57 35.82 4.01 32.29
N LEU D 58 35.24 4.06 31.09
CA LEU D 58 33.89 4.59 30.89
C LEU D 58 33.15 3.56 30.03
N ASN D 59 32.17 2.91 30.62
CA ASN D 59 31.38 1.92 29.91
C ASN D 59 30.37 2.71 29.06
N ILE D 60 30.51 2.66 27.74
CA ILE D 60 29.63 3.40 26.85
C ILE D 60 28.14 3.03 26.85
N ASP D 61 27.78 1.86 27.39
CA ASP D 61 26.38 1.46 27.46
C ASP D 61 25.68 2.12 28.65
N GLN D 62 26.33 2.14 29.81
CA GLN D 62 25.71 2.78 30.96
C GLN D 62 25.93 4.29 30.99
N ASN D 63 26.85 4.78 30.17
CA ASN D 63 27.17 6.21 30.10
C ASN D 63 27.24 6.60 28.63
N PRO D 64 26.06 6.76 27.98
CA PRO D 64 25.95 7.13 26.57
C PRO D 64 26.25 8.57 26.15
N GLY D 65 26.33 9.48 27.11
CA GLY D 65 26.57 10.87 26.74
C GLY D 65 27.98 11.29 26.36
N THR D 66 29.01 10.70 26.98
CA THR D 66 30.38 11.12 26.71
C THR D 66 31.05 10.75 25.37
N ALA D 67 31.06 9.45 25.04
CA ALA D 67 31.70 8.99 23.82
C ALA D 67 31.42 9.79 22.54
N PRO D 68 30.15 10.15 22.29
CA PRO D 68 29.85 10.92 21.08
C PRO D 68 30.63 12.23 20.99
N LYS D 69 30.87 12.87 22.14
CA LYS D 69 31.60 14.14 22.13
C LYS D 69 33.04 13.96 21.65
N TYR D 70 33.56 12.75 21.72
CA TYR D 70 34.92 12.50 21.27
C TYR D 70 34.97 11.74 19.94
N GLY D 71 33.81 11.58 19.32
CA GLY D 71 33.73 10.91 18.03
C GLY D 71 34.17 9.47 17.95
N ILE D 72 33.83 8.68 18.96
CA ILE D 72 34.18 7.27 18.98
C ILE D 72 33.60 6.58 17.74
N ARG D 73 34.40 5.73 17.09
CA ARG D 73 33.96 4.99 15.90
C ARG D 73 34.29 3.52 16.06
N GLY D 74 35.04 3.20 17.11
CA GLY D 74 35.42 1.83 17.37
C GLY D 74 35.84 1.68 18.81
N ILE D 75 35.82 0.44 19.31
CA ILE D 75 36.22 0.19 20.67
C ILE D 75 37.06 -1.08 20.74
N PRO D 76 37.92 -1.19 21.75
CA PRO D 76 38.09 -0.17 22.79
C PRO D 76 38.84 1.05 22.26
N THR D 77 38.59 2.22 22.83
CA THR D 77 39.30 3.41 22.42
C THR D 77 40.01 3.98 23.65
N LEU D 78 41.33 4.12 23.54
CA LEU D 78 42.12 4.65 24.63
C LEU D 78 42.48 6.10 24.37
N LEU D 79 41.93 7.01 25.18
CA LEU D 79 42.22 8.43 25.06
C LEU D 79 43.10 8.87 26.21
N LEU D 80 44.24 9.49 25.88
CA LEU D 80 45.17 9.97 26.88
C LEU D 80 44.90 11.46 27.07
N PHE D 81 44.47 11.84 28.27
CA PHE D 81 44.16 13.23 28.56
C PHE D 81 45.26 13.94 29.35
N LYS D 82 45.44 15.22 29.04
CA LYS D 82 46.43 16.07 29.71
C LYS D 82 45.88 17.49 29.73
N ASN D 83 45.63 18.01 30.93
CA ASN D 83 45.08 19.36 31.09
C ASN D 83 43.72 19.53 30.42
N GLY D 84 42.87 18.50 30.53
CA GLY D 84 41.54 18.56 29.95
C GLY D 84 41.49 18.48 28.44
N GLU D 85 42.64 18.19 27.83
CA GLU D 85 42.75 18.09 26.38
C GLU D 85 43.18 16.68 26.03
N VAL D 86 42.71 16.18 24.89
CA VAL D 86 43.10 14.85 24.45
C VAL D 86 44.51 14.92 23.88
N ALA D 87 45.46 14.34 24.59
CA ALA D 87 46.85 14.36 24.15
C ALA D 87 47.07 13.37 23.00
N ALA D 88 46.79 12.09 23.26
CA ALA D 88 46.96 11.05 22.26
C ALA D 88 45.78 10.08 22.25
N THR D 89 45.74 9.24 21.22
CA THR D 89 44.68 8.27 21.05
C THR D 89 45.02 7.06 20.20
N LYS D 90 44.62 5.89 20.69
CA LYS D 90 44.82 4.64 19.97
C LYS D 90 43.55 3.82 20.10
N VAL D 91 43.18 3.14 19.03
CA VAL D 91 41.99 2.31 19.01
C VAL D 91 42.39 0.86 18.76
N GLY D 92 41.90 -0.06 19.59
CA GLY D 92 42.24 -1.46 19.41
C GLY D 92 42.83 -2.11 20.65
N ALA D 93 42.79 -3.44 20.67
CA ALA D 93 43.31 -4.21 21.80
C ALA D 93 44.83 -4.35 21.76
N LEU D 94 45.54 -3.32 22.18
CA LEU D 94 46.99 -3.35 22.20
C LEU D 94 47.46 -4.34 23.27
N SER D 95 48.68 -4.85 23.12
CA SER D 95 49.25 -5.78 24.08
C SER D 95 49.92 -4.95 25.17
N LYS D 96 50.39 -5.63 26.22
CA LYS D 96 51.06 -4.96 27.31
C LYS D 96 52.21 -4.10 26.81
N GLY D 97 53.03 -4.69 25.93
CA GLY D 97 54.17 -3.99 25.38
C GLY D 97 53.83 -2.78 24.53
N GLN D 98 52.82 -2.92 23.67
CA GLN D 98 52.42 -1.82 22.80
C GLN D 98 51.84 -0.68 23.66
N LEU D 99 51.23 -1.07 24.78
CA LEU D 99 50.67 -0.07 25.68
C LEU D 99 51.80 0.62 26.42
N LYS D 100 52.69 -0.17 27.01
CA LYS D 100 53.81 0.40 27.76
C LYS D 100 54.60 1.38 26.91
N GLU D 101 54.87 1.00 25.66
CA GLU D 101 55.63 1.90 24.79
C GLU D 101 54.79 3.10 24.35
N PHE D 102 53.49 2.92 24.29
CA PHE D 102 52.59 4.01 23.90
C PHE D 102 52.62 5.04 25.02
N LEU D 103 52.53 4.56 26.26
CA LEU D 103 52.53 5.43 27.43
C LEU D 103 53.90 6.09 27.64
N ASP D 104 54.92 5.26 27.85
CA ASP D 104 56.26 5.78 28.04
C ASP D 104 56.55 6.89 27.03
N ALA D 105 56.21 6.63 25.78
CA ALA D 105 56.43 7.58 24.69
C ALA D 105 55.64 8.89 24.84
N ASN D 106 54.40 8.79 25.31
CA ASN D 106 53.57 9.99 25.47
C ASN D 106 53.68 10.71 26.80
N LEU D 107 54.09 10.01 27.85
CA LEU D 107 54.21 10.65 29.15
C LEU D 107 55.34 11.68 29.17
MG MG E . -1.18 -0.09 -25.89
#